data_4L26
# 
_entry.id   4L26 
# 
_audit_conform.dict_name       mmcif_pdbx.dic 
_audit_conform.dict_version    5.388 
_audit_conform.dict_location   http://mmcif.pdb.org/dictionaries/ascii/mmcif_pdbx.dic 
# 
loop_
_database_2.database_id 
_database_2.database_code 
_database_2.pdbx_database_accession 
_database_2.pdbx_DOI 
PDB   4L26         pdb_00004l26 10.2210/pdb4l26/pdb 
NDB   NA2493       ?            ?                   
RCSB  RCSB080086   ?            ?                   
WWPDB D_1000080086 ?            ?                   
# 
loop_
_pdbx_audit_revision_history.ordinal 
_pdbx_audit_revision_history.data_content_type 
_pdbx_audit_revision_history.major_revision 
_pdbx_audit_revision_history.minor_revision 
_pdbx_audit_revision_history.revision_date 
1 'Structure model' 1 0 2014-03-05 
2 'Structure model' 1 1 2024-03-20 
# 
_pdbx_audit_revision_details.ordinal             1 
_pdbx_audit_revision_details.revision_ordinal    1 
_pdbx_audit_revision_details.data_content_type   'Structure model' 
_pdbx_audit_revision_details.provider            repository 
_pdbx_audit_revision_details.type                'Initial release' 
_pdbx_audit_revision_details.description         ? 
_pdbx_audit_revision_details.details             ? 
# 
loop_
_pdbx_audit_revision_group.ordinal 
_pdbx_audit_revision_group.revision_ordinal 
_pdbx_audit_revision_group.data_content_type 
_pdbx_audit_revision_group.group 
1 2 'Structure model' 'Data collection'      
2 2 'Structure model' 'Database references'  
3 2 'Structure model' 'Derived calculations' 
# 
loop_
_pdbx_audit_revision_category.ordinal 
_pdbx_audit_revision_category.revision_ordinal 
_pdbx_audit_revision_category.data_content_type 
_pdbx_audit_revision_category.category 
1 2 'Structure model' chem_comp_atom 
2 2 'Structure model' chem_comp_bond 
3 2 'Structure model' database_2     
4 2 'Structure model' struct_conn    
# 
loop_
_pdbx_audit_revision_item.ordinal 
_pdbx_audit_revision_item.revision_ordinal 
_pdbx_audit_revision_item.data_content_type 
_pdbx_audit_revision_item.item 
1 2 'Structure model' '_database_2.pdbx_DOI'                
2 2 'Structure model' '_database_2.pdbx_database_accession' 
3 2 'Structure model' '_struct_conn.pdbx_leaving_atom_flag' 
# 
_pdbx_database_status.entry_id                        4L26 
_pdbx_database_status.methods_development_category    ? 
_pdbx_database_status.deposit_site                    RCSB 
_pdbx_database_status.process_site                    PDBJ 
_pdbx_database_status.recvd_initial_deposition_date   2013-06-04 
_pdbx_database_status.status_code                     REL 
_pdbx_database_status.status_code_sf                  REL 
_pdbx_database_status.status_code_mr                  ? 
_pdbx_database_status.SG_entry                        ? 
_pdbx_database_status.status_code_cs                  ? 
_pdbx_database_status.pdb_format_compatible           Y 
_pdbx_database_status.status_code_nmr_data            ? 
# 
loop_
_pdbx_database_related.db_name 
_pdbx_database_related.db_id 
_pdbx_database_related.details 
_pdbx_database_related.content_type 
PDB 4L24 . unspecified 
PDB 4L25 . unspecified 
# 
loop_
_audit_author.name 
_audit_author.pdbx_ordinal 
'Kondo, J.'  1 
'Yamada, T.' 2 
'Hirose, C.' 3 
'Tanaka, Y.' 4 
'Ono, A.'    5 
# 
_citation.id                        primary 
_citation.title                     
'Crystal Structure of Metallo DNA Duplex Containing Consecutive Watson-Crick-like T-Hg(II) -T Base Pairs' 
_citation.journal_abbrev            Angew.Chem.Int.Ed.Engl. 
_citation.journal_volume            53 
_citation.page_first                2385 
_citation.page_last                 2388 
_citation.year                      2014 
_citation.journal_id_ASTM           ? 
_citation.country                   GE 
_citation.journal_id_ISSN           1433-7851 
_citation.journal_id_CSD            9999 
_citation.book_publisher            ? 
_citation.pdbx_database_id_PubMed   24478025 
_citation.pdbx_database_id_DOI      10.1002/anie.201309066 
# 
loop_
_citation_author.citation_id 
_citation_author.name 
_citation_author.ordinal 
_citation_author.identifier_ORCID 
primary 'Kondo, J.'   1 ? 
primary 'Yamada, T.'  2 ? 
primary 'Hirose, C.'  3 ? 
primary 'Okamoto, I.' 4 ? 
primary 'Tanaka, Y.'  5 ? 
primary 'Ono, A.'     6 ? 
# 
loop_
_entity.id 
_entity.type 
_entity.src_method 
_entity.pdbx_description 
_entity.formula_weight 
_entity.pdbx_number_of_molecules 
_entity.pdbx_ec 
_entity.pdbx_mutation 
_entity.pdbx_fragment 
_entity.details 
1 polymer syn 
;DNA (5'-D(*CP*GP*(CBR)P*GP*AP*TP*TP*TP*CP*GP*CP*G)-3')
;
3733.274 2   ? ? ? ? 
2 water   nat water                                                    18.015   135 ? ? ? ? 
# 
_entity_poly.entity_id                      1 
_entity_poly.type                           polydeoxyribonucleotide 
_entity_poly.nstd_linkage                   no 
_entity_poly.nstd_monomer                   yes 
_entity_poly.pdbx_seq_one_letter_code       '(DC)(DG)(CBR)(DG)(DA)(DT)(DT)(DT)(DC)(DG)(DC)(DG)' 
_entity_poly.pdbx_seq_one_letter_code_can   CGCGATTTCGCG 
_entity_poly.pdbx_strand_id                 A,B 
_entity_poly.pdbx_target_identifier         ? 
# 
_pdbx_entity_nonpoly.entity_id   2 
_pdbx_entity_nonpoly.name        water 
_pdbx_entity_nonpoly.comp_id     HOH 
# 
loop_
_entity_poly_seq.entity_id 
_entity_poly_seq.num 
_entity_poly_seq.mon_id 
_entity_poly_seq.hetero 
1 1  DC  n 
1 2  DG  n 
1 3  CBR n 
1 4  DG  n 
1 5  DA  n 
1 6  DT  n 
1 7  DT  n 
1 8  DT  n 
1 9  DC  n 
1 10 DG  n 
1 11 DC  n 
1 12 DG  n 
# 
_pdbx_entity_src_syn.entity_id              1 
_pdbx_entity_src_syn.pdbx_src_id            1 
_pdbx_entity_src_syn.pdbx_alt_source_flag   sample 
_pdbx_entity_src_syn.pdbx_beg_seq_num       ? 
_pdbx_entity_src_syn.pdbx_end_seq_num       ? 
_pdbx_entity_src_syn.organism_scientific    ? 
_pdbx_entity_src_syn.organism_common_name   ? 
_pdbx_entity_src_syn.ncbi_taxonomy_id       ? 
_pdbx_entity_src_syn.details                'Chemically synthesized' 
# 
loop_
_chem_comp.id 
_chem_comp.type 
_chem_comp.mon_nstd_flag 
_chem_comp.name 
_chem_comp.pdbx_synonyms 
_chem_comp.formula 
_chem_comp.formula_weight 
CBR 'DNA linking' n "5-BROMO-2'-DEOXY-CYTIDINE-5'-MONOPHOSPHATE" ? 'C9 H13 Br N3 O7 P' 386.093 
DA  'DNA linking' y "2'-DEOXYADENOSINE-5'-MONOPHOSPHATE"         ? 'C10 H14 N5 O6 P'   331.222 
DC  'DNA linking' y "2'-DEOXYCYTIDINE-5'-MONOPHOSPHATE"          ? 'C9 H14 N3 O7 P'    307.197 
DG  'DNA linking' y "2'-DEOXYGUANOSINE-5'-MONOPHOSPHATE"         ? 'C10 H14 N5 O7 P'   347.221 
DT  'DNA linking' y "THYMIDINE-5'-MONOPHOSPHATE"                 ? 'C10 H15 N2 O8 P'   322.208 
HOH non-polymer   . WATER                                        ? 'H2 O'              18.015  
# 
loop_
_pdbx_poly_seq_scheme.asym_id 
_pdbx_poly_seq_scheme.entity_id 
_pdbx_poly_seq_scheme.seq_id 
_pdbx_poly_seq_scheme.mon_id 
_pdbx_poly_seq_scheme.ndb_seq_num 
_pdbx_poly_seq_scheme.pdb_seq_num 
_pdbx_poly_seq_scheme.auth_seq_num 
_pdbx_poly_seq_scheme.pdb_mon_id 
_pdbx_poly_seq_scheme.auth_mon_id 
_pdbx_poly_seq_scheme.pdb_strand_id 
_pdbx_poly_seq_scheme.pdb_ins_code 
_pdbx_poly_seq_scheme.hetero 
A 1 1  DC  1  1  1  DC  DC  A . n 
A 1 2  DG  2  2  2  DG  DG  A . n 
A 1 3  CBR 3  3  3  CBR CBR A . n 
A 1 4  DG  4  4  4  DG  DG  A . n 
A 1 5  DA  5  5  5  DA  DA  A . n 
A 1 6  DT  6  6  6  DT  DT  A . n 
A 1 7  DT  7  7  7  DT  DT  A . n 
A 1 8  DT  8  8  8  DT  DT  A . n 
A 1 9  DC  9  9  9  DC  DC  A . n 
A 1 10 DG  10 10 10 DG  DG  A . n 
A 1 11 DC  11 11 11 DC  DC  A . n 
A 1 12 DG  12 12 12 DG  DG  A . n 
B 1 1  DC  1  1  1  DC  DC  B . n 
B 1 2  DG  2  2  2  DG  DG  B . n 
B 1 3  CBR 3  3  3  CBR CBR B . n 
B 1 4  DG  4  4  4  DG  DG  B . n 
B 1 5  DA  5  5  5  DA  DA  B . n 
B 1 6  DT  6  6  6  DT  DT  B . n 
B 1 7  DT  7  7  7  DT  DT  B . n 
B 1 8  DT  8  8  8  DT  DT  B . n 
B 1 9  DC  9  9  9  DC  DC  B . n 
B 1 10 DG  10 10 10 DG  DG  B . n 
B 1 11 DC  11 11 11 DC  DC  B . n 
B 1 12 DG  12 12 12 DG  DG  B . n 
# 
loop_
_pdbx_nonpoly_scheme.asym_id 
_pdbx_nonpoly_scheme.entity_id 
_pdbx_nonpoly_scheme.mon_id 
_pdbx_nonpoly_scheme.ndb_seq_num 
_pdbx_nonpoly_scheme.pdb_seq_num 
_pdbx_nonpoly_scheme.auth_seq_num 
_pdbx_nonpoly_scheme.pdb_mon_id 
_pdbx_nonpoly_scheme.auth_mon_id 
_pdbx_nonpoly_scheme.pdb_strand_id 
_pdbx_nonpoly_scheme.pdb_ins_code 
C 2 HOH 1  101 102 HOH HOH A . 
C 2 HOH 2  102 103 HOH HOH A . 
C 2 HOH 3  103 105 HOH HOH A . 
C 2 HOH 4  104 107 HOH HOH A . 
C 2 HOH 5  105 110 HOH HOH A . 
C 2 HOH 6  106 113 HOH HOH A . 
C 2 HOH 7  107 114 HOH HOH A . 
C 2 HOH 8  108 122 HOH HOH A . 
C 2 HOH 9  109 127 HOH HOH A . 
C 2 HOH 10 110 128 HOH HOH A . 
C 2 HOH 11 111 129 HOH HOH A . 
C 2 HOH 12 112 130 HOH HOH A . 
C 2 HOH 13 113 131 HOH HOH A . 
C 2 HOH 14 114 132 HOH HOH A . 
C 2 HOH 15 115 135 HOH HOH A . 
C 2 HOH 16 116 136 HOH HOH A . 
C 2 HOH 17 117 137 HOH HOH A . 
C 2 HOH 18 118 139 HOH HOH A . 
C 2 HOH 19 119 145 HOH HOH A . 
C 2 HOH 20 120 146 HOH HOH A . 
C 2 HOH 21 121 147 HOH HOH A . 
C 2 HOH 22 122 148 HOH HOH A . 
C 2 HOH 23 123 149 HOH HOH A . 
C 2 HOH 24 124 150 HOH HOH A . 
C 2 HOH 25 125 152 HOH HOH A . 
C 2 HOH 26 126 156 HOH HOH A . 
C 2 HOH 27 127 157 HOH HOH A . 
C 2 HOH 28 128 158 HOH HOH A . 
C 2 HOH 29 129 161 HOH HOH A . 
C 2 HOH 30 130 162 HOH HOH A . 
C 2 HOH 31 131 163 HOH HOH A . 
C 2 HOH 32 132 165 HOH HOH A . 
C 2 HOH 33 133 172 HOH HOH A . 
C 2 HOH 34 134 173 HOH HOH A . 
C 2 HOH 35 135 175 HOH HOH A . 
C 2 HOH 36 136 179 HOH HOH A . 
C 2 HOH 37 137 180 HOH HOH A . 
C 2 HOH 38 138 182 HOH HOH A . 
C 2 HOH 39 139 185 HOH HOH A . 
C 2 HOH 40 140 186 HOH HOH A . 
C 2 HOH 41 141 188 HOH HOH A . 
C 2 HOH 42 142 189 HOH HOH A . 
C 2 HOH 43 143 190 HOH HOH A . 
C 2 HOH 44 144 192 HOH HOH A . 
C 2 HOH 45 145 197 HOH HOH A . 
C 2 HOH 46 146 198 HOH HOH A . 
C 2 HOH 47 147 199 HOH HOH A . 
C 2 HOH 48 148 200 HOH HOH A . 
C 2 HOH 49 149 203 HOH HOH A . 
C 2 HOH 50 150 206 HOH HOH A . 
C 2 HOH 51 151 209 HOH HOH A . 
C 2 HOH 52 152 211 HOH HOH A . 
C 2 HOH 53 153 213 HOH HOH A . 
C 2 HOH 54 154 215 HOH HOH A . 
C 2 HOH 55 155 216 HOH HOH A . 
C 2 HOH 56 156 219 HOH HOH A . 
C 2 HOH 57 157 220 HOH HOH A . 
C 2 HOH 58 158 222 HOH HOH A . 
C 2 HOH 59 159 223 HOH HOH A . 
C 2 HOH 60 160 224 HOH HOH A . 
C 2 HOH 61 161 227 HOH HOH A . 
C 2 HOH 62 162 229 HOH HOH A . 
C 2 HOH 63 163 230 HOH HOH A . 
C 2 HOH 64 164 231 HOH HOH A . 
C 2 HOH 65 165 232 HOH HOH A . 
C 2 HOH 66 166 233 HOH HOH A . 
C 2 HOH 67 167 234 HOH HOH A . 
C 2 HOH 68 168 237 HOH HOH A . 
D 2 HOH 1  101 101 HOH HOH B . 
D 2 HOH 2  102 104 HOH HOH B . 
D 2 HOH 3  103 106 HOH HOH B . 
D 2 HOH 4  104 108 HOH HOH B . 
D 2 HOH 5  105 109 HOH HOH B . 
D 2 HOH 6  106 111 HOH HOH B . 
D 2 HOH 7  107 112 HOH HOH B . 
D 2 HOH 8  108 115 HOH HOH B . 
D 2 HOH 9  109 116 HOH HOH B . 
D 2 HOH 10 110 117 HOH HOH B . 
D 2 HOH 11 111 118 HOH HOH B . 
D 2 HOH 12 112 119 HOH HOH B . 
D 2 HOH 13 113 120 HOH HOH B . 
D 2 HOH 14 114 121 HOH HOH B . 
D 2 HOH 15 115 123 HOH HOH B . 
D 2 HOH 16 116 124 HOH HOH B . 
D 2 HOH 17 117 125 HOH HOH B . 
D 2 HOH 18 118 126 HOH HOH B . 
D 2 HOH 19 119 133 HOH HOH B . 
D 2 HOH 20 120 134 HOH HOH B . 
D 2 HOH 21 121 138 HOH HOH B . 
D 2 HOH 22 122 140 HOH HOH B . 
D 2 HOH 23 123 141 HOH HOH B . 
D 2 HOH 24 124 143 HOH HOH B . 
D 2 HOH 25 125 144 HOH HOH B . 
D 2 HOH 26 126 153 HOH HOH B . 
D 2 HOH 27 127 154 HOH HOH B . 
D 2 HOH 28 128 155 HOH HOH B . 
D 2 HOH 29 129 159 HOH HOH B . 
D 2 HOH 30 130 160 HOH HOH B . 
D 2 HOH 31 131 164 HOH HOH B . 
D 2 HOH 32 132 166 HOH HOH B . 
D 2 HOH 33 133 167 HOH HOH B . 
D 2 HOH 34 134 168 HOH HOH B . 
D 2 HOH 35 135 169 HOH HOH B . 
D 2 HOH 36 136 170 HOH HOH B . 
D 2 HOH 37 137 171 HOH HOH B . 
D 2 HOH 38 138 174 HOH HOH B . 
D 2 HOH 39 139 176 HOH HOH B . 
D 2 HOH 40 140 177 HOH HOH B . 
D 2 HOH 41 141 178 HOH HOH B . 
D 2 HOH 42 142 181 HOH HOH B . 
D 2 HOH 43 143 183 HOH HOH B . 
D 2 HOH 44 144 184 HOH HOH B . 
D 2 HOH 45 145 187 HOH HOH B . 
D 2 HOH 46 146 191 HOH HOH B . 
D 2 HOH 47 147 193 HOH HOH B . 
D 2 HOH 48 148 194 HOH HOH B . 
D 2 HOH 49 149 195 HOH HOH B . 
D 2 HOH 50 150 196 HOH HOH B . 
D 2 HOH 51 151 201 HOH HOH B . 
D 2 HOH 52 152 202 HOH HOH B . 
D 2 HOH 53 153 204 HOH HOH B . 
D 2 HOH 54 154 205 HOH HOH B . 
D 2 HOH 55 155 207 HOH HOH B . 
D 2 HOH 56 156 208 HOH HOH B . 
D 2 HOH 57 157 210 HOH HOH B . 
D 2 HOH 58 158 214 HOH HOH B . 
D 2 HOH 59 159 218 HOH HOH B . 
D 2 HOH 60 160 221 HOH HOH B . 
D 2 HOH 61 161 225 HOH HOH B . 
D 2 HOH 62 162 226 HOH HOH B . 
D 2 HOH 63 163 228 HOH HOH B . 
D 2 HOH 64 164 235 HOH HOH B . 
D 2 HOH 65 165 236 HOH HOH B . 
D 2 HOH 66 166 238 HOH HOH B . 
D 2 HOH 67 167 239 HOH HOH B . 
# 
loop_
_software.pdbx_ordinal 
_software.name 
_software.version 
_software.date 
_software.type 
_software.contact_author 
_software.contact_author_email 
_software.classification 
_software.location 
_software.language 
_software.citation_id 
1 CNS          .    ?                package 'Axel T. Brunger' axel.brunger@yale.edu    refinement        http://cns-online.org/ 
Fortran_77 ? 
2 PDB_EXTRACT  3.11 'April 22, 2011' package PDB               deposit@deposit.rcsb.org 'data extraction' 
http://sw-tools.pdb.org/apps/PDB_EXTRACT/ C++        ? 
3 CrystalClear .    ?                ?       ?                 ?                        'data reduction'  ? ?          ? 
4 CrystalClear .    ?                ?       ?                 ?                        'data scaling'    ? ?          ? 
5 PHENIX       .    ?                ?       ?                 ?                        phasing           ? ?          ? 
# 
_cell.length_a           27.360 
_cell.length_b           39.310 
_cell.length_c           30.460 
_cell.angle_alpha        90.000 
_cell.angle_beta         99.410 
_cell.angle_gamma        90.000 
_cell.entry_id           4L26 
_cell.pdbx_unique_axis   ? 
_cell.Z_PDB              4 
_cell.length_a_esd       ? 
_cell.length_b_esd       ? 
_cell.length_c_esd       ? 
_cell.angle_alpha_esd    ? 
_cell.angle_beta_esd     ? 
_cell.angle_gamma_esd    ? 
# 
_symmetry.space_group_name_H-M             'P 1 21 1' 
_symmetry.entry_id                         4L26 
_symmetry.pdbx_full_space_group_name_H-M   ? 
_symmetry.Int_Tables_number                4 
_symmetry.cell_setting                     ? 
_symmetry.space_group_name_Hall            ? 
# 
_exptl.crystals_number   1 
_exptl.entry_id          4L26 
_exptl.method            'X-RAY DIFFRACTION' 
# 
_exptl_crystal.id                    1 
_exptl_crystal.pdbx_mosaicity        ? 
_exptl_crystal.pdbx_mosaicity_esd    ? 
_exptl_crystal.density_Matthews      2.16 
_exptl_crystal.density_diffrn        ? 
_exptl_crystal.density_meas          ? 
_exptl_crystal.density_meas_temp     ? 
_exptl_crystal.density_percent_sol   43.17 
_exptl_crystal.size_max              ? 
_exptl_crystal.size_mid              ? 
_exptl_crystal.size_min              ? 
_exptl_crystal.size_rad              ? 
_exptl_crystal.description           ? 
_exptl_crystal.F_000                 ? 
_exptl_crystal.preparation           ? 
# 
_exptl_crystal_grow.crystal_id      1 
_exptl_crystal_grow.method          'VAPOR DIFFUSION, HANGING DROP' 
_exptl_crystal_grow.pH              7.0 
_exptl_crystal_grow.temp            277 
_exptl_crystal_grow.temp_details    ? 
_exptl_crystal_grow.pdbx_details    
;Sodium Cacodylate, Spermine tetrahydrochloride, 2-methyl-2,4-pentanediol, ammonium chloride , pH 7.0, VAPOR DIFFUSION, HANGING DROP, temperature 277K
;
_exptl_crystal_grow.pdbx_pH_range   ? 
# 
_diffrn.id                     1 
_diffrn.ambient_temp           277 
_diffrn.ambient_temp_details   ? 
_diffrn.crystal_id             1 
# 
_diffrn_detector.diffrn_id              1 
_diffrn_detector.detector               ? 
_diffrn_detector.type                   ? 
_diffrn_detector.pdbx_collection_date   2012-10-22 
_diffrn_detector.details                ? 
# 
_diffrn_radiation.diffrn_id                        1 
_diffrn_radiation.wavelength_id                    1 
_diffrn_radiation.pdbx_diffrn_protocol             MAD 
_diffrn_radiation.monochromator                    ? 
_diffrn_radiation.pdbx_monochromatic_or_laue_m_l   M 
_diffrn_radiation.pdbx_scattering_type             x-ray 
# 
loop_
_diffrn_radiation_wavelength.id 
_diffrn_radiation_wavelength.wavelength 
_diffrn_radiation_wavelength.wt 
1 1.0     1.0 
2 0.91942 1.0 
3 0.92006 1.0 
# 
_diffrn_source.diffrn_id                   1 
_diffrn_source.source                      SYNCHROTRON 
_diffrn_source.type                        'PHOTON FACTORY BEAMLINE AR-NW12A' 
_diffrn_source.pdbx_wavelength             ? 
_diffrn_source.pdbx_wavelength_list        '1.0, 0.91942, 0.92006' 
_diffrn_source.pdbx_synchrotron_site       'Photon Factory' 
_diffrn_source.pdbx_synchrotron_beamline   AR-NW12A 
# 
_reflns.entry_id                     4L26 
_reflns.observed_criterion_sigma_F   ? 
_reflns.observed_criterion_sigma_I   ? 
_reflns.d_resolution_high            1.4 
_reflns.d_resolution_low             21.94 
_reflns.number_all                   ? 
_reflns.number_obs                   12212 
_reflns.percent_possible_obs         ? 
_reflns.pdbx_Rmerge_I_obs            ? 
_reflns.pdbx_Rsym_value              ? 
_reflns.pdbx_netI_over_sigmaI        ? 
_reflns.B_iso_Wilson_estimate        ? 
_reflns.pdbx_redundancy              ? 
_reflns.R_free_details               ? 
_reflns.limit_h_max                  ? 
_reflns.limit_h_min                  ? 
_reflns.limit_k_max                  ? 
_reflns.limit_k_min                  ? 
_reflns.limit_l_max                  ? 
_reflns.limit_l_min                  ? 
_reflns.observed_criterion_F_max     ? 
_reflns.observed_criterion_F_min     ? 
_reflns.pdbx_chi_squared             ? 
_reflns.pdbx_scaling_rejects         ? 
_reflns.pdbx_ordinal                 1 
_reflns.pdbx_diffrn_id               1 
# 
_refine.entry_id                                 4L26 
_refine.ls_d_res_high                            1.4000 
_refine.ls_d_res_low                             21.94 
_refine.pdbx_ls_sigma_F                          0.000 
_refine.pdbx_data_cutoff_high_absF               ? 
_refine.pdbx_data_cutoff_low_absF                ? 
_refine.ls_percent_reflns_obs                    96.4000 
_refine.ls_number_reflns_obs                     12212 
_refine.ls_number_reflns_all                     ? 
_refine.pdbx_ls_cross_valid_method               ? 
_refine.pdbx_R_Free_selection_details            ? 
_refine.details                                  ? 
_refine.ls_R_factor_all                          ? 
_refine.ls_R_factor_obs                          ? 
_refine.ls_R_factor_R_work                       0.2323 
_refine.ls_wR_factor_R_work                      ? 
_refine.ls_R_factor_R_free                       0.2662 
_refine.ls_wR_factor_R_free                      ? 
_refine.ls_percent_reflns_R_free                 9.9000 
_refine.ls_number_reflns_R_free                  1260 
_refine.ls_R_factor_R_free_error                 ? 
_refine.B_iso_mean                               19.0444 
_refine.solvent_model_param_bsol                 52.9486 
_refine.solvent_model_param_ksol                 ? 
_refine.pdbx_isotropic_thermal_model             ? 
_refine.aniso_B[1][1]                            -1.4410 
_refine.aniso_B[2][2]                            -3.4370 
_refine.aniso_B[3][3]                            4.8780 
_refine.aniso_B[1][2]                            0.0000 
_refine.aniso_B[1][3]                            9.2100 
_refine.aniso_B[2][3]                            0.0000 
_refine.correlation_coeff_Fo_to_Fc               ? 
_refine.correlation_coeff_Fo_to_Fc_free          ? 
_refine.overall_SU_R_Cruickshank_DPI             ? 
_refine.overall_SU_R_free                        ? 
_refine.pdbx_overall_ESU_R                       ? 
_refine.pdbx_overall_ESU_R_Free                  ? 
_refine.overall_SU_ML                            ? 
_refine.overall_SU_B                             ? 
_refine.solvent_model_details                    ? 
_refine.pdbx_solvent_vdw_probe_radii             ? 
_refine.pdbx_solvent_ion_probe_radii             ? 
_refine.pdbx_solvent_shrinkage_radii             ? 
_refine.ls_number_parameters                     ? 
_refine.ls_number_restraints                     ? 
_refine.pdbx_starting_model                      ? 
_refine.pdbx_method_to_determine_struct          MAD 
_refine.pdbx_stereochemistry_target_values       ? 
_refine.pdbx_stereochem_target_val_spec_case     ? 
_refine.overall_FOM_work_R_set                   ? 
_refine.B_iso_max                                52.410 
_refine.B_iso_min                                9.740 
_refine.pdbx_overall_phase_error                 ? 
_refine.occupancy_max                            1.000 
_refine.occupancy_min                            0.500 
_refine.pdbx_ls_sigma_I                          ? 
_refine.ls_redundancy_reflns_obs                 ? 
_refine.ls_R_factor_R_free_error_details         ? 
_refine.pdbx_data_cutoff_high_rms_absF           ? 
_refine.overall_FOM_free_R_set                   ? 
_refine.pdbx_diffrn_id                           1 
_refine.pdbx_refine_id                           'X-RAY DIFFRACTION' 
_refine.pdbx_TLS_residual_ADP_flag               ? 
_refine.pdbx_overall_SU_R_free_Cruickshank_DPI   ? 
_refine.pdbx_overall_SU_R_Blow_DPI               ? 
_refine.pdbx_overall_SU_R_free_Blow_DPI          ? 
# 
_refine_hist.pdbx_refine_id                   'X-RAY DIFFRACTION' 
_refine_hist.cycle_id                         LAST 
_refine_hist.pdbx_number_atoms_protein        0 
_refine_hist.pdbx_number_atoms_nucleic_acid   486 
_refine_hist.pdbx_number_atoms_ligand         0 
_refine_hist.number_atoms_solvent             135 
_refine_hist.number_atoms_total               621 
_refine_hist.d_res_high                       1.4000 
_refine_hist.d_res_low                        21.94 
# 
loop_
_refine_ls_restr.type 
_refine_ls_restr.number 
_refine_ls_restr.dev_ideal 
_refine_ls_restr.dev_ideal_target 
_refine_ls_restr.weight 
_refine_ls_restr.pdbx_restraint_function 
_refine_ls_restr.pdbx_refine_id 
c_bond_d     ? 0.003 ?     ? ? 'X-RAY DIFFRACTION' 
c_angle_deg  ? 0.964 ?     ? ? 'X-RAY DIFFRACTION' 
c_mcbond_it  ? 1.494 1.500 ? ? 'X-RAY DIFFRACTION' 
c_mcangle_it ? 1.986 2.000 ? ? 'X-RAY DIFFRACTION' 
# 
loop_
_refine_ls_shell.d_res_high 
_refine_ls_shell.d_res_low 
_refine_ls_shell.pdbx_total_number_of_bins_used 
_refine_ls_shell.percent_reflns_obs 
_refine_ls_shell.number_reflns_R_work 
_refine_ls_shell.R_factor_all 
_refine_ls_shell.R_factor_R_work 
_refine_ls_shell.R_factor_R_free 
_refine_ls_shell.percent_reflns_R_free 
_refine_ls_shell.number_reflns_R_free 
_refine_ls_shell.R_factor_R_free_error 
_refine_ls_shell.number_reflns_all 
_refine_ls_shell.number_reflns_obs 
_refine_ls_shell.pdbx_refine_id 
_refine_ls_shell.redundancy_reflns_obs 
1.4000 1.4500   10 98.0000 1132 . 0.4596 0.4495 . 124 . 1256 . 'X-RAY DIFFRACTION' . 
1.4500 1.5100   10 98.0000 1110 . 0.4439 0.4432 . 109 . 1219 . 'X-RAY DIFFRACTION' . 
1.5100 1.5800   10 97.9000 1071 . 0.3337 0.3553 . 144 . 1215 . 'X-RAY DIFFRACTION' . 
1.5800 1.6600   10 98.7000 1120 . 0.2934 0.4039 . 119 . 1239 . 'X-RAY DIFFRACTION' . 
1.6600 1.7600   10 98.8000 1111 . 0.2234 0.2983 . 146 . 1257 . 'X-RAY DIFFRACTION' . 
1.7600 1.9000   10 99.0000 1135 . 0.2309 0.2625 . 112 . 1247 . 'X-RAY DIFFRACTION' . 
1.9000 2.0900   10 93.9000 1051 . 0.2693 0.2955 . 141 . 1192 . 'X-RAY DIFFRACTION' . 
2.0900 2.3900   10 87.7000 999  . 0.2241 0.2965 . 107 . 1106 . 'X-RAY DIFFRACTION' . 
2.3900 3.0200   10 99.3000 1140 . 0.1991 0.2379 . 140 . 1280 . 'X-RAY DIFFRACTION' . 
3.0200 100.0000 10 92.5000 1083 . 0.1722 0.1865 . 118 . 1201 . 'X-RAY DIFFRACTION' . 
# 
loop_
_pdbx_xplor_file.pdbx_refine_id 
_pdbx_xplor_file.serial_no 
_pdbx_xplor_file.param_file 
_pdbx_xplor_file.topol_file 
'X-RAY DIFFRACTION' 1 dna-rna_free.param ? 
'X-RAY DIFFRACTION' 2 water_rep.param    ? 
'X-RAY DIFFRACTION' 3 ion.param          ? 
'X-RAY DIFFRACTION' 4 brc.param          ? 
# 
_struct.entry_id                  4L26 
_struct.title                     'Crystal structure of DNA duplex containing consecutive T-T mispairs (Br-derivative)' 
_struct.pdbx_model_details        ? 
_struct.pdbx_CASP_flag            ? 
_struct.pdbx_model_type_details   ? 
# 
_struct_keywords.entry_id        4L26 
_struct_keywords.pdbx_keywords   DNA 
_struct_keywords.text            'T-T mispair, A-T-T triplet, non-helical DNA duplex, DNA' 
# 
loop_
_struct_asym.id 
_struct_asym.pdbx_blank_PDB_chainid_flag 
_struct_asym.pdbx_modified 
_struct_asym.entity_id 
_struct_asym.details 
A N N 1 ? 
B N N 1 ? 
C N N 2 ? 
D N N 2 ? 
# 
_struct_ref.id                         1 
_struct_ref.db_name                    PDB 
_struct_ref.db_code                    4L26 
_struct_ref.pdbx_db_accession          4L26 
_struct_ref.entity_id                  1 
_struct_ref.pdbx_align_begin           ? 
_struct_ref.pdbx_seq_one_letter_code   ? 
_struct_ref.pdbx_db_isoform            ? 
# 
loop_
_struct_ref_seq.align_id 
_struct_ref_seq.ref_id 
_struct_ref_seq.pdbx_PDB_id_code 
_struct_ref_seq.pdbx_strand_id 
_struct_ref_seq.seq_align_beg 
_struct_ref_seq.pdbx_seq_align_beg_ins_code 
_struct_ref_seq.seq_align_end 
_struct_ref_seq.pdbx_seq_align_end_ins_code 
_struct_ref_seq.pdbx_db_accession 
_struct_ref_seq.db_align_beg 
_struct_ref_seq.pdbx_db_align_beg_ins_code 
_struct_ref_seq.db_align_end 
_struct_ref_seq.pdbx_db_align_end_ins_code 
_struct_ref_seq.pdbx_auth_seq_align_beg 
_struct_ref_seq.pdbx_auth_seq_align_end 
1 1 4L26 A 1 ? 12 ? 4L26 1 ? 12 ? 1 12 
2 1 4L26 B 1 ? 12 ? 4L26 1 ? 12 ? 1 12 
# 
_pdbx_struct_assembly.id                   1 
_pdbx_struct_assembly.details              author_and_software_defined_assembly 
_pdbx_struct_assembly.method_details       PISA 
_pdbx_struct_assembly.oligomeric_details   dimeric 
_pdbx_struct_assembly.oligomeric_count     2 
# 
loop_
_pdbx_struct_assembly_prop.biol_id 
_pdbx_struct_assembly_prop.type 
_pdbx_struct_assembly_prop.value 
_pdbx_struct_assembly_prop.details 
1 'ABSA (A^2)' 2660 ? 
1 MORE         -1   ? 
1 'SSA (A^2)'  3710 ? 
# 
_pdbx_struct_assembly_gen.assembly_id       1 
_pdbx_struct_assembly_gen.oper_expression   1 
_pdbx_struct_assembly_gen.asym_id_list      A,B,C,D 
# 
_pdbx_struct_oper_list.id                   1 
_pdbx_struct_oper_list.type                 'identity operation' 
_pdbx_struct_oper_list.name                 1_555 
_pdbx_struct_oper_list.symmetry_operation   x,y,z 
_pdbx_struct_oper_list.matrix[1][1]         1.0000000000 
_pdbx_struct_oper_list.matrix[1][2]         0.0000000000 
_pdbx_struct_oper_list.matrix[1][3]         0.0000000000 
_pdbx_struct_oper_list.vector[1]            0.0000000000 
_pdbx_struct_oper_list.matrix[2][1]         0.0000000000 
_pdbx_struct_oper_list.matrix[2][2]         1.0000000000 
_pdbx_struct_oper_list.matrix[2][3]         0.0000000000 
_pdbx_struct_oper_list.vector[2]            0.0000000000 
_pdbx_struct_oper_list.matrix[3][1]         0.0000000000 
_pdbx_struct_oper_list.matrix[3][2]         0.0000000000 
_pdbx_struct_oper_list.matrix[3][3]         1.0000000000 
_pdbx_struct_oper_list.vector[3]            0.0000000000 
# 
_struct_biol.id        1 
_struct_biol.details   ? 
# 
loop_
_struct_conn.id 
_struct_conn.conn_type_id 
_struct_conn.pdbx_leaving_atom_flag 
_struct_conn.pdbx_PDB_id 
_struct_conn.ptnr1_label_asym_id 
_struct_conn.ptnr1_label_comp_id 
_struct_conn.ptnr1_label_seq_id 
_struct_conn.ptnr1_label_atom_id 
_struct_conn.pdbx_ptnr1_label_alt_id 
_struct_conn.pdbx_ptnr1_PDB_ins_code 
_struct_conn.pdbx_ptnr1_standard_comp_id 
_struct_conn.ptnr1_symmetry 
_struct_conn.ptnr2_label_asym_id 
_struct_conn.ptnr2_label_comp_id 
_struct_conn.ptnr2_label_seq_id 
_struct_conn.ptnr2_label_atom_id 
_struct_conn.pdbx_ptnr2_label_alt_id 
_struct_conn.pdbx_ptnr2_PDB_ins_code 
_struct_conn.ptnr1_auth_asym_id 
_struct_conn.ptnr1_auth_comp_id 
_struct_conn.ptnr1_auth_seq_id 
_struct_conn.ptnr2_auth_asym_id 
_struct_conn.ptnr2_auth_comp_id 
_struct_conn.ptnr2_auth_seq_id 
_struct_conn.ptnr2_symmetry 
_struct_conn.pdbx_ptnr3_label_atom_id 
_struct_conn.pdbx_ptnr3_label_seq_id 
_struct_conn.pdbx_ptnr3_label_comp_id 
_struct_conn.pdbx_ptnr3_label_asym_id 
_struct_conn.pdbx_ptnr3_label_alt_id 
_struct_conn.pdbx_ptnr3_PDB_ins_code 
_struct_conn.details 
_struct_conn.pdbx_dist_value 
_struct_conn.pdbx_value_order 
_struct_conn.pdbx_role 
covale1  covale both ? A DG  2  "O3'" ? ? ? 1_555 A CBR 3  P  ? ? A DG  2  A CBR 3  1_555 ? ? ? ? ? ? ?                    1.599 ? 
? 
covale2  covale both ? A CBR 3  "O3'" ? ? ? 1_555 A DG  4  P  ? ? A CBR 3  A DG  4  1_555 ? ? ? ? ? ? ?                    1.605 ? 
? 
covale3  covale both ? B DG  2  "O3'" ? ? ? 1_555 B CBR 3  P  ? ? B DG  2  B CBR 3  1_555 ? ? ? ? ? ? ?                    1.598 ? 
? 
covale4  covale both ? B CBR 3  "O3'" ? ? ? 1_555 B DG  4  P  ? ? B CBR 3  B DG  4  1_555 ? ? ? ? ? ? ?                    1.606 ? 
? 
hydrog1  hydrog ?    ? A DC  1  N3    ? ? ? 1_555 B DG  12 N1 ? ? A DC  1  B DG  12 1_555 ? ? ? ? ? ? WATSON-CRICK         ?     ? 
? 
hydrog2  hydrog ?    ? A DC  1  N4    ? ? ? 1_555 B DG  12 O6 ? ? A DC  1  B DG  12 1_555 ? ? ? ? ? ? WATSON-CRICK         ?     ? 
? 
hydrog3  hydrog ?    ? A DC  1  O2    ? ? ? 1_555 B DG  12 N2 ? ? A DC  1  B DG  12 1_555 ? ? ? ? ? ? WATSON-CRICK         ?     ? 
? 
hydrog4  hydrog ?    ? A DG  2  N1    ? ? ? 1_555 B DC  11 N3 ? ? A DG  2  B DC  11 1_555 ? ? ? ? ? ? WATSON-CRICK         ?     ? 
? 
hydrog5  hydrog ?    ? A DG  2  N2    ? ? ? 1_555 B DC  11 O2 ? ? A DG  2  B DC  11 1_555 ? ? ? ? ? ? WATSON-CRICK         ?     ? 
? 
hydrog6  hydrog ?    ? A DG  2  O6    ? ? ? 1_555 B DC  11 N4 ? ? A DG  2  B DC  11 1_555 ? ? ? ? ? ? WATSON-CRICK         ?     ? 
? 
hydrog7  hydrog ?    ? A CBR 3  N3    ? ? ? 1_555 B DG  10 N1 ? ? A CBR 3  B DG  10 1_555 ? ? ? ? ? ? WATSON-CRICK         ?     ? 
? 
hydrog8  hydrog ?    ? A CBR 3  N4    ? ? ? 1_555 B DG  10 O6 ? ? A CBR 3  B DG  10 1_555 ? ? ? ? ? ? WATSON-CRICK         ?     ? 
? 
hydrog9  hydrog ?    ? A CBR 3  O2    ? ? ? 1_555 B DG  10 N2 ? ? A CBR 3  B DG  10 1_555 ? ? ? ? ? ? WATSON-CRICK         ?     ? 
? 
hydrog10 hydrog ?    ? A DG  4  N1    ? ? ? 1_555 B DC  9  N3 ? ? A DG  4  B DC  9  1_555 ? ? ? ? ? ? WATSON-CRICK         ?     ? 
? 
hydrog11 hydrog ?    ? A DG  4  N2    ? ? ? 1_555 B DC  9  O2 ? ? A DG  4  B DC  9  1_555 ? ? ? ? ? ? WATSON-CRICK         ?     ? 
? 
hydrog12 hydrog ?    ? A DG  4  O6    ? ? ? 1_555 B DC  9  N4 ? ? A DG  4  B DC  9  1_555 ? ? ? ? ? ? WATSON-CRICK         ?     ? 
? 
hydrog13 hydrog ?    ? A DA  5  N6    ? ? ? 1_555 B DT  7  O2 ? ? A DA  5  B DT  7  1_555 ? ? ? ? ? ? 'REVERSED HOOGSTEEN' ?     ? 
? 
hydrog14 hydrog ?    ? A DA  5  N7    ? ? ? 1_555 B DT  7  N3 ? ? A DA  5  B DT  7  1_555 ? ? ? ? ? ? 'REVERSED HOOGSTEEN' ?     ? 
? 
hydrog15 hydrog ?    ? A DA  5  N6    ? ? ? 1_555 B DT  8  O4 ? ? A DA  5  B DT  8  1_555 ? ? ? ? ? ? 'DA-DT PAIR'         ?     ? 
? 
hydrog16 hydrog ?    ? A DT  7  N3    ? ? ? 1_555 B DA  5  N7 ? ? A DT  7  B DA  5  1_555 ? ? ? ? ? ? 'REVERSED HOOGSTEEN' ?     ? 
? 
hydrog17 hydrog ?    ? A DT  7  O2    ? ? ? 1_555 B DA  5  N6 ? ? A DT  7  B DA  5  1_555 ? ? ? ? ? ? 'REVERSED HOOGSTEEN' ?     ? 
? 
hydrog18 hydrog ?    ? A DT  8  O4    ? ? ? 1_555 B DA  5  N6 ? ? A DT  8  B DA  5  1_555 ? ? ? ? ? ? 'DT-DA PAIR'         ?     ? 
? 
hydrog19 hydrog ?    ? A DC  9  N3    ? ? ? 1_555 B DG  4  N1 ? ? A DC  9  B DG  4  1_555 ? ? ? ? ? ? WATSON-CRICK         ?     ? 
? 
hydrog20 hydrog ?    ? A DC  9  N4    ? ? ? 1_555 B DG  4  O6 ? ? A DC  9  B DG  4  1_555 ? ? ? ? ? ? WATSON-CRICK         ?     ? 
? 
hydrog21 hydrog ?    ? A DC  9  O2    ? ? ? 1_555 B DG  4  N2 ? ? A DC  9  B DG  4  1_555 ? ? ? ? ? ? WATSON-CRICK         ?     ? 
? 
hydrog22 hydrog ?    ? A DG  10 N1    ? ? ? 1_555 B CBR 3  N3 ? ? A DG  10 B CBR 3  1_555 ? ? ? ? ? ? WATSON-CRICK         ?     ? 
? 
hydrog23 hydrog ?    ? A DG  10 N2    ? ? ? 1_555 B CBR 3  O2 ? ? A DG  10 B CBR 3  1_555 ? ? ? ? ? ? WATSON-CRICK         ?     ? 
? 
hydrog24 hydrog ?    ? A DG  10 O6    ? ? ? 1_555 B CBR 3  N4 ? ? A DG  10 B CBR 3  1_555 ? ? ? ? ? ? WATSON-CRICK         ?     ? 
? 
hydrog25 hydrog ?    ? A DC  11 N3    ? ? ? 1_555 B DG  2  N1 ? ? A DC  11 B DG  2  1_555 ? ? ? ? ? ? WATSON-CRICK         ?     ? 
? 
hydrog26 hydrog ?    ? A DC  11 N4    ? ? ? 1_555 B DG  2  O6 ? ? A DC  11 B DG  2  1_555 ? ? ? ? ? ? WATSON-CRICK         ?     ? 
? 
hydrog27 hydrog ?    ? A DC  11 O2    ? ? ? 1_555 B DG  2  N2 ? ? A DC  11 B DG  2  1_555 ? ? ? ? ? ? WATSON-CRICK         ?     ? 
? 
hydrog28 hydrog ?    ? A DG  12 N1    ? ? ? 1_555 B DC  1  N3 ? ? A DG  12 B DC  1  1_555 ? ? ? ? ? ? WATSON-CRICK         ?     ? 
? 
hydrog29 hydrog ?    ? A DG  12 N2    ? ? ? 1_555 B DC  1  O2 ? ? A DG  12 B DC  1  1_555 ? ? ? ? ? ? WATSON-CRICK         ?     ? 
? 
hydrog30 hydrog ?    ? A DG  12 O6    ? ? ? 1_555 B DC  1  N4 ? ? A DG  12 B DC  1  1_555 ? ? ? ? ? ? WATSON-CRICK         ?     ? 
? 
# 
loop_
_struct_conn_type.id 
_struct_conn_type.criteria 
_struct_conn_type.reference 
covale ? ? 
hydrog ? ? 
# 
loop_
_pdbx_struct_mod_residue.id 
_pdbx_struct_mod_residue.label_asym_id 
_pdbx_struct_mod_residue.label_comp_id 
_pdbx_struct_mod_residue.label_seq_id 
_pdbx_struct_mod_residue.auth_asym_id 
_pdbx_struct_mod_residue.auth_comp_id 
_pdbx_struct_mod_residue.auth_seq_id 
_pdbx_struct_mod_residue.PDB_ins_code 
_pdbx_struct_mod_residue.parent_comp_id 
_pdbx_struct_mod_residue.details 
1 A CBR 3 A CBR 3 ? DC ? 
2 B CBR 3 B CBR 3 ? DC ? 
# 
loop_
_chem_comp_atom.comp_id 
_chem_comp_atom.atom_id 
_chem_comp_atom.type_symbol 
_chem_comp_atom.pdbx_aromatic_flag 
_chem_comp_atom.pdbx_stereo_config 
_chem_comp_atom.pdbx_ordinal 
CBR BR     BR N N 1   
CBR P      P  N N 2   
CBR OP1    O  N N 3   
CBR OP2    O  N N 4   
CBR "O5'"  O  N N 5   
CBR N1     N  N N 6   
CBR C6     C  N N 7   
CBR C2     C  N N 8   
CBR O2     O  N N 9   
CBR N3     N  N N 10  
CBR C4     C  N N 11  
CBR N4     N  N N 12  
CBR C5     C  N N 13  
CBR "C2'"  C  N N 14  
CBR "C5'"  C  N N 15  
CBR "C4'"  C  N R 16  
CBR "O4'"  O  N N 17  
CBR "C1'"  C  N R 18  
CBR "C3'"  C  N S 19  
CBR "O3'"  O  N N 20  
CBR OP3    O  N N 21  
CBR HOP2   H  N N 22  
CBR H6     H  N N 23  
CBR H41    H  N N 24  
CBR H42    H  N N 25  
CBR "H2'"  H  N N 26  
CBR "H2''" H  N N 27  
CBR "H5'"  H  N N 28  
CBR "H5''" H  N N 29  
CBR "H4'"  H  N N 30  
CBR "H1'"  H  N N 31  
CBR "H3'"  H  N N 32  
CBR "HO3'" H  N N 33  
CBR HOP3   H  N N 34  
DA  OP3    O  N N 35  
DA  P      P  N N 36  
DA  OP1    O  N N 37  
DA  OP2    O  N N 38  
DA  "O5'"  O  N N 39  
DA  "C5'"  C  N N 40  
DA  "C4'"  C  N R 41  
DA  "O4'"  O  N N 42  
DA  "C3'"  C  N S 43  
DA  "O3'"  O  N N 44  
DA  "C2'"  C  N N 45  
DA  "C1'"  C  N R 46  
DA  N9     N  Y N 47  
DA  C8     C  Y N 48  
DA  N7     N  Y N 49  
DA  C5     C  Y N 50  
DA  C6     C  Y N 51  
DA  N6     N  N N 52  
DA  N1     N  Y N 53  
DA  C2     C  Y N 54  
DA  N3     N  Y N 55  
DA  C4     C  Y N 56  
DA  HOP3   H  N N 57  
DA  HOP2   H  N N 58  
DA  "H5'"  H  N N 59  
DA  "H5''" H  N N 60  
DA  "H4'"  H  N N 61  
DA  "H3'"  H  N N 62  
DA  "HO3'" H  N N 63  
DA  "H2'"  H  N N 64  
DA  "H2''" H  N N 65  
DA  "H1'"  H  N N 66  
DA  H8     H  N N 67  
DA  H61    H  N N 68  
DA  H62    H  N N 69  
DA  H2     H  N N 70  
DC  OP3    O  N N 71  
DC  P      P  N N 72  
DC  OP1    O  N N 73  
DC  OP2    O  N N 74  
DC  "O5'"  O  N N 75  
DC  "C5'"  C  N N 76  
DC  "C4'"  C  N R 77  
DC  "O4'"  O  N N 78  
DC  "C3'"  C  N S 79  
DC  "O3'"  O  N N 80  
DC  "C2'"  C  N N 81  
DC  "C1'"  C  N R 82  
DC  N1     N  N N 83  
DC  C2     C  N N 84  
DC  O2     O  N N 85  
DC  N3     N  N N 86  
DC  C4     C  N N 87  
DC  N4     N  N N 88  
DC  C5     C  N N 89  
DC  C6     C  N N 90  
DC  HOP3   H  N N 91  
DC  HOP2   H  N N 92  
DC  "H5'"  H  N N 93  
DC  "H5''" H  N N 94  
DC  "H4'"  H  N N 95  
DC  "H3'"  H  N N 96  
DC  "HO3'" H  N N 97  
DC  "H2'"  H  N N 98  
DC  "H2''" H  N N 99  
DC  "H1'"  H  N N 100 
DC  H41    H  N N 101 
DC  H42    H  N N 102 
DC  H5     H  N N 103 
DC  H6     H  N N 104 
DG  OP3    O  N N 105 
DG  P      P  N N 106 
DG  OP1    O  N N 107 
DG  OP2    O  N N 108 
DG  "O5'"  O  N N 109 
DG  "C5'"  C  N N 110 
DG  "C4'"  C  N R 111 
DG  "O4'"  O  N N 112 
DG  "C3'"  C  N S 113 
DG  "O3'"  O  N N 114 
DG  "C2'"  C  N N 115 
DG  "C1'"  C  N R 116 
DG  N9     N  Y N 117 
DG  C8     C  Y N 118 
DG  N7     N  Y N 119 
DG  C5     C  Y N 120 
DG  C6     C  N N 121 
DG  O6     O  N N 122 
DG  N1     N  N N 123 
DG  C2     C  N N 124 
DG  N2     N  N N 125 
DG  N3     N  N N 126 
DG  C4     C  Y N 127 
DG  HOP3   H  N N 128 
DG  HOP2   H  N N 129 
DG  "H5'"  H  N N 130 
DG  "H5''" H  N N 131 
DG  "H4'"  H  N N 132 
DG  "H3'"  H  N N 133 
DG  "HO3'" H  N N 134 
DG  "H2'"  H  N N 135 
DG  "H2''" H  N N 136 
DG  "H1'"  H  N N 137 
DG  H8     H  N N 138 
DG  H1     H  N N 139 
DG  H21    H  N N 140 
DG  H22    H  N N 141 
DT  OP3    O  N N 142 
DT  P      P  N N 143 
DT  OP1    O  N N 144 
DT  OP2    O  N N 145 
DT  "O5'"  O  N N 146 
DT  "C5'"  C  N N 147 
DT  "C4'"  C  N R 148 
DT  "O4'"  O  N N 149 
DT  "C3'"  C  N S 150 
DT  "O3'"  O  N N 151 
DT  "C2'"  C  N N 152 
DT  "C1'"  C  N R 153 
DT  N1     N  N N 154 
DT  C2     C  N N 155 
DT  O2     O  N N 156 
DT  N3     N  N N 157 
DT  C4     C  N N 158 
DT  O4     O  N N 159 
DT  C5     C  N N 160 
DT  C7     C  N N 161 
DT  C6     C  N N 162 
DT  HOP3   H  N N 163 
DT  HOP2   H  N N 164 
DT  "H5'"  H  N N 165 
DT  "H5''" H  N N 166 
DT  "H4'"  H  N N 167 
DT  "H3'"  H  N N 168 
DT  "HO3'" H  N N 169 
DT  "H2'"  H  N N 170 
DT  "H2''" H  N N 171 
DT  "H1'"  H  N N 172 
DT  H3     H  N N 173 
DT  H71    H  N N 174 
DT  H72    H  N N 175 
DT  H73    H  N N 176 
DT  H6     H  N N 177 
HOH O      O  N N 178 
HOH H1     H  N N 179 
HOH H2     H  N N 180 
# 
loop_
_chem_comp_bond.comp_id 
_chem_comp_bond.atom_id_1 
_chem_comp_bond.atom_id_2 
_chem_comp_bond.value_order 
_chem_comp_bond.pdbx_aromatic_flag 
_chem_comp_bond.pdbx_stereo_config 
_chem_comp_bond.pdbx_ordinal 
CBR BR    C5     sing N N 1   
CBR P     OP1    doub N N 2   
CBR P     OP2    sing N N 3   
CBR P     "O5'"  sing N N 4   
CBR P     OP3    sing N N 5   
CBR OP2   HOP2   sing N N 6   
CBR "O5'" "C5'"  sing N N 7   
CBR N1    C6     sing N N 8   
CBR N1    C2     sing N N 9   
CBR N1    "C1'"  sing N N 10  
CBR C6    C5     doub N N 11  
CBR C6    H6     sing N N 12  
CBR C2    O2     doub N N 13  
CBR C2    N3     sing N N 14  
CBR N3    C4     doub N N 15  
CBR C4    N4     sing N N 16  
CBR C4    C5     sing N N 17  
CBR N4    H41    sing N N 18  
CBR N4    H42    sing N N 19  
CBR "C2'" "C1'"  sing N N 20  
CBR "C2'" "C3'"  sing N N 21  
CBR "C2'" "H2'"  sing N N 22  
CBR "C2'" "H2''" sing N N 23  
CBR "C5'" "C4'"  sing N N 24  
CBR "C5'" "H5'"  sing N N 25  
CBR "C5'" "H5''" sing N N 26  
CBR "C4'" "O4'"  sing N N 27  
CBR "C4'" "C3'"  sing N N 28  
CBR "C4'" "H4'"  sing N N 29  
CBR "O4'" "C1'"  sing N N 30  
CBR "C1'" "H1'"  sing N N 31  
CBR "C3'" "O3'"  sing N N 32  
CBR "C3'" "H3'"  sing N N 33  
CBR "O3'" "HO3'" sing N N 34  
CBR OP3   HOP3   sing N N 35  
DA  OP3   P      sing N N 36  
DA  OP3   HOP3   sing N N 37  
DA  P     OP1    doub N N 38  
DA  P     OP2    sing N N 39  
DA  P     "O5'"  sing N N 40  
DA  OP2   HOP2   sing N N 41  
DA  "O5'" "C5'"  sing N N 42  
DA  "C5'" "C4'"  sing N N 43  
DA  "C5'" "H5'"  sing N N 44  
DA  "C5'" "H5''" sing N N 45  
DA  "C4'" "O4'"  sing N N 46  
DA  "C4'" "C3'"  sing N N 47  
DA  "C4'" "H4'"  sing N N 48  
DA  "O4'" "C1'"  sing N N 49  
DA  "C3'" "O3'"  sing N N 50  
DA  "C3'" "C2'"  sing N N 51  
DA  "C3'" "H3'"  sing N N 52  
DA  "O3'" "HO3'" sing N N 53  
DA  "C2'" "C1'"  sing N N 54  
DA  "C2'" "H2'"  sing N N 55  
DA  "C2'" "H2''" sing N N 56  
DA  "C1'" N9     sing N N 57  
DA  "C1'" "H1'"  sing N N 58  
DA  N9    C8     sing Y N 59  
DA  N9    C4     sing Y N 60  
DA  C8    N7     doub Y N 61  
DA  C8    H8     sing N N 62  
DA  N7    C5     sing Y N 63  
DA  C5    C6     sing Y N 64  
DA  C5    C4     doub Y N 65  
DA  C6    N6     sing N N 66  
DA  C6    N1     doub Y N 67  
DA  N6    H61    sing N N 68  
DA  N6    H62    sing N N 69  
DA  N1    C2     sing Y N 70  
DA  C2    N3     doub Y N 71  
DA  C2    H2     sing N N 72  
DA  N3    C4     sing Y N 73  
DC  OP3   P      sing N N 74  
DC  OP3   HOP3   sing N N 75  
DC  P     OP1    doub N N 76  
DC  P     OP2    sing N N 77  
DC  P     "O5'"  sing N N 78  
DC  OP2   HOP2   sing N N 79  
DC  "O5'" "C5'"  sing N N 80  
DC  "C5'" "C4'"  sing N N 81  
DC  "C5'" "H5'"  sing N N 82  
DC  "C5'" "H5''" sing N N 83  
DC  "C4'" "O4'"  sing N N 84  
DC  "C4'" "C3'"  sing N N 85  
DC  "C4'" "H4'"  sing N N 86  
DC  "O4'" "C1'"  sing N N 87  
DC  "C3'" "O3'"  sing N N 88  
DC  "C3'" "C2'"  sing N N 89  
DC  "C3'" "H3'"  sing N N 90  
DC  "O3'" "HO3'" sing N N 91  
DC  "C2'" "C1'"  sing N N 92  
DC  "C2'" "H2'"  sing N N 93  
DC  "C2'" "H2''" sing N N 94  
DC  "C1'" N1     sing N N 95  
DC  "C1'" "H1'"  sing N N 96  
DC  N1    C2     sing N N 97  
DC  N1    C6     sing N N 98  
DC  C2    O2     doub N N 99  
DC  C2    N3     sing N N 100 
DC  N3    C4     doub N N 101 
DC  C4    N4     sing N N 102 
DC  C4    C5     sing N N 103 
DC  N4    H41    sing N N 104 
DC  N4    H42    sing N N 105 
DC  C5    C6     doub N N 106 
DC  C5    H5     sing N N 107 
DC  C6    H6     sing N N 108 
DG  OP3   P      sing N N 109 
DG  OP3   HOP3   sing N N 110 
DG  P     OP1    doub N N 111 
DG  P     OP2    sing N N 112 
DG  P     "O5'"  sing N N 113 
DG  OP2   HOP2   sing N N 114 
DG  "O5'" "C5'"  sing N N 115 
DG  "C5'" "C4'"  sing N N 116 
DG  "C5'" "H5'"  sing N N 117 
DG  "C5'" "H5''" sing N N 118 
DG  "C4'" "O4'"  sing N N 119 
DG  "C4'" "C3'"  sing N N 120 
DG  "C4'" "H4'"  sing N N 121 
DG  "O4'" "C1'"  sing N N 122 
DG  "C3'" "O3'"  sing N N 123 
DG  "C3'" "C2'"  sing N N 124 
DG  "C3'" "H3'"  sing N N 125 
DG  "O3'" "HO3'" sing N N 126 
DG  "C2'" "C1'"  sing N N 127 
DG  "C2'" "H2'"  sing N N 128 
DG  "C2'" "H2''" sing N N 129 
DG  "C1'" N9     sing N N 130 
DG  "C1'" "H1'"  sing N N 131 
DG  N9    C8     sing Y N 132 
DG  N9    C4     sing Y N 133 
DG  C8    N7     doub Y N 134 
DG  C8    H8     sing N N 135 
DG  N7    C5     sing Y N 136 
DG  C5    C6     sing N N 137 
DG  C5    C4     doub Y N 138 
DG  C6    O6     doub N N 139 
DG  C6    N1     sing N N 140 
DG  N1    C2     sing N N 141 
DG  N1    H1     sing N N 142 
DG  C2    N2     sing N N 143 
DG  C2    N3     doub N N 144 
DG  N2    H21    sing N N 145 
DG  N2    H22    sing N N 146 
DG  N3    C4     sing N N 147 
DT  OP3   P      sing N N 148 
DT  OP3   HOP3   sing N N 149 
DT  P     OP1    doub N N 150 
DT  P     OP2    sing N N 151 
DT  P     "O5'"  sing N N 152 
DT  OP2   HOP2   sing N N 153 
DT  "O5'" "C5'"  sing N N 154 
DT  "C5'" "C4'"  sing N N 155 
DT  "C5'" "H5'"  sing N N 156 
DT  "C5'" "H5''" sing N N 157 
DT  "C4'" "O4'"  sing N N 158 
DT  "C4'" "C3'"  sing N N 159 
DT  "C4'" "H4'"  sing N N 160 
DT  "O4'" "C1'"  sing N N 161 
DT  "C3'" "O3'"  sing N N 162 
DT  "C3'" "C2'"  sing N N 163 
DT  "C3'" "H3'"  sing N N 164 
DT  "O3'" "HO3'" sing N N 165 
DT  "C2'" "C1'"  sing N N 166 
DT  "C2'" "H2'"  sing N N 167 
DT  "C2'" "H2''" sing N N 168 
DT  "C1'" N1     sing N N 169 
DT  "C1'" "H1'"  sing N N 170 
DT  N1    C2     sing N N 171 
DT  N1    C6     sing N N 172 
DT  C2    O2     doub N N 173 
DT  C2    N3     sing N N 174 
DT  N3    C4     sing N N 175 
DT  N3    H3     sing N N 176 
DT  C4    O4     doub N N 177 
DT  C4    C5     sing N N 178 
DT  C5    C7     sing N N 179 
DT  C5    C6     doub N N 180 
DT  C7    H71    sing N N 181 
DT  C7    H72    sing N N 182 
DT  C7    H73    sing N N 183 
DT  C6    H6     sing N N 184 
HOH O     H1     sing N N 185 
HOH O     H2     sing N N 186 
# 
loop_
_ndb_struct_conf_na.entry_id 
_ndb_struct_conf_na.feature 
4L26 'double helix'  
4L26 'internal loop' 
# 
loop_
_ndb_struct_na_base_pair.model_number 
_ndb_struct_na_base_pair.i_label_asym_id 
_ndb_struct_na_base_pair.i_label_comp_id 
_ndb_struct_na_base_pair.i_label_seq_id 
_ndb_struct_na_base_pair.i_symmetry 
_ndb_struct_na_base_pair.j_label_asym_id 
_ndb_struct_na_base_pair.j_label_comp_id 
_ndb_struct_na_base_pair.j_label_seq_id 
_ndb_struct_na_base_pair.j_symmetry 
_ndb_struct_na_base_pair.shear 
_ndb_struct_na_base_pair.stretch 
_ndb_struct_na_base_pair.stagger 
_ndb_struct_na_base_pair.buckle 
_ndb_struct_na_base_pair.propeller 
_ndb_struct_na_base_pair.opening 
_ndb_struct_na_base_pair.pair_number 
_ndb_struct_na_base_pair.pair_name 
_ndb_struct_na_base_pair.i_auth_asym_id 
_ndb_struct_na_base_pair.i_auth_seq_id 
_ndb_struct_na_base_pair.i_PDB_ins_code 
_ndb_struct_na_base_pair.j_auth_asym_id 
_ndb_struct_na_base_pair.j_auth_seq_id 
_ndb_struct_na_base_pair.j_PDB_ins_code 
_ndb_struct_na_base_pair.hbond_type_28 
_ndb_struct_na_base_pair.hbond_type_12 
1 A DC  1 1_555 B DG 12 1_555 0.203  -0.085 -0.417 6.152  -1.784 -0.904   1  A_DC1:DG12_B  A 1 ? B 12 ? 19 1 
1 A DG  2 1_555 B DC 11 1_555 -0.246 -0.116 -0.101 2.927  2.777  -1.143   2  A_DG2:DC11_B  A 2 ? B 11 ? 19 1 
1 A CBR 3 1_555 B DG 10 1_555 0.451  -0.142 -0.192 -3.779 1.358  -0.732   3  A_CBR3:DG10_B A 3 ? B 10 ? 19 1 
1 A DG  4 1_555 B DC 9  1_555 -0.308 -0.105 -0.164 10.204 -7.755 -1.392   4  A_DG4:DC9_B   A 4 ? B 9  ? 19 1 
1 A DA  5 1_555 B DT 8  1_555 3.156  3.137  -0.233 2.753  -7.260 -104.805 5  A_DA5:DT8_B   A 5 ? B 8  ? ?  ? 
1 B DA  5 1_555 A DT 8  1_555 3.145  3.119  -0.220 3.531  -6.964 -104.717 6  B_DA5:DT8_A   B 5 ? A 8  ? ?  ? 
1 B DG  4 1_555 A DC 9  1_555 -0.267 -0.068 -0.073 12.380 -7.501 -1.323   7  B_DG4:DC9_A   B 4 ? A 9  ? 19 1 
1 B CBR 3 1_555 A DG 10 1_555 0.468  -0.243 -0.258 -4.026 0.730  -0.928   8  B_CBR3:DG10_A B 3 ? A 10 ? 19 1 
1 B DG  2 1_555 A DC 11 1_555 -0.119 -0.102 -0.047 0.566  4.452  -3.871   9  B_DG2:DC11_A  B 2 ? A 11 ? 19 1 
1 B DC  1 1_555 A DG 12 1_555 0.178  -0.015 -0.520 9.585  -3.819 -1.668   10 B_DC1:DG12_A  B 1 ? A 12 ? 19 1 
# 
loop_
_ndb_struct_na_base_pair_step.model_number 
_ndb_struct_na_base_pair_step.i_label_asym_id_1 
_ndb_struct_na_base_pair_step.i_label_comp_id_1 
_ndb_struct_na_base_pair_step.i_label_seq_id_1 
_ndb_struct_na_base_pair_step.i_symmetry_1 
_ndb_struct_na_base_pair_step.j_label_asym_id_1 
_ndb_struct_na_base_pair_step.j_label_comp_id_1 
_ndb_struct_na_base_pair_step.j_label_seq_id_1 
_ndb_struct_na_base_pair_step.j_symmetry_1 
_ndb_struct_na_base_pair_step.i_label_asym_id_2 
_ndb_struct_na_base_pair_step.i_label_comp_id_2 
_ndb_struct_na_base_pair_step.i_label_seq_id_2 
_ndb_struct_na_base_pair_step.i_symmetry_2 
_ndb_struct_na_base_pair_step.j_label_asym_id_2 
_ndb_struct_na_base_pair_step.j_label_comp_id_2 
_ndb_struct_na_base_pair_step.j_label_seq_id_2 
_ndb_struct_na_base_pair_step.j_symmetry_2 
_ndb_struct_na_base_pair_step.shift 
_ndb_struct_na_base_pair_step.slide 
_ndb_struct_na_base_pair_step.rise 
_ndb_struct_na_base_pair_step.tilt 
_ndb_struct_na_base_pair_step.roll 
_ndb_struct_na_base_pair_step.twist 
_ndb_struct_na_base_pair_step.x_displacement 
_ndb_struct_na_base_pair_step.y_displacement 
_ndb_struct_na_base_pair_step.helical_rise 
_ndb_struct_na_base_pair_step.inclination 
_ndb_struct_na_base_pair_step.tip 
_ndb_struct_na_base_pair_step.helical_twist 
_ndb_struct_na_base_pair_step.step_number 
_ndb_struct_na_base_pair_step.step_name 
_ndb_struct_na_base_pair_step.i_auth_asym_id_1 
_ndb_struct_na_base_pair_step.i_auth_seq_id_1 
_ndb_struct_na_base_pair_step.i_PDB_ins_code_1 
_ndb_struct_na_base_pair_step.j_auth_asym_id_1 
_ndb_struct_na_base_pair_step.j_auth_seq_id_1 
_ndb_struct_na_base_pair_step.j_PDB_ins_code_1 
_ndb_struct_na_base_pair_step.i_auth_asym_id_2 
_ndb_struct_na_base_pair_step.i_auth_seq_id_2 
_ndb_struct_na_base_pair_step.i_PDB_ins_code_2 
_ndb_struct_na_base_pair_step.j_auth_asym_id_2 
_ndb_struct_na_base_pair_step.j_auth_seq_id_2 
_ndb_struct_na_base_pair_step.j_PDB_ins_code_2 
1 A DC  1 1_555 B DG 12 1_555 A DG  2 1_555 B DC 11 1_555 -0.328 5.290  -3.524 -2.400   -1.607   9.869   26.119 6.906   -4.131 
-9.090  13.574  10.282   1 AA_DC1DG2:DC11DG12_BB  A 1 ? B 12 ? A 2 ? B 11 ? 
1 A DG  2 1_555 B DC 11 1_555 A CBR 3 1_555 B DG 10 1_555 0.352  -1.171 -3.234 -0.339   -5.497   50.236  -1.751 -0.389  -3.100 
-6.452  0.398   50.517   2 AA_DG2CBR3:DG10DC11_BB A 2 ? B 11 ? A 3 ? B 10 ? 
1 A CBR 3 1_555 B DG 10 1_555 A DG  4 1_555 B DC 9  1_555 0.064  5.595  -4.064 7.439    -1.671   6.635   27.462 -19.545 -3.548 
-10.746 -47.836 10.103   3 AA_CBR3DG4:DC9DG10_BB  A 3 ? B 10 ? A 4 ? B 9  ? 
1 A DG  4 1_555 B DC 9  1_555 A DA  5 1_555 B DT 8  1_555 3.092  -1.602 3.205  1.292    169.710  64.188  -1.793 -1.543  0.372  
87.260  -0.664  171.290  4 AA_DG4DA5:DT8DC9_BB    A 4 ? B 9  ? A 5 ? B 8  ? 
1 A DA  5 1_555 B DT 8  1_555 B DA  5 1_555 A DT 8  1_555 -1.191 -6.875 -1.385 -108.119 -139.326 156.710 -3.498 0.642   -0.113 
-69.693 54.082  179.265  5 AB_DA5DA5:DT8DT8_AB    A 5 ? B 8  ? B 5 ? A 8  ? 
1 B DA  5 1_555 A DT 8  1_555 B DG  4 1_555 A DC 9  1_555 -3.012 1.763  -3.106 -2.495   -169.871 -69.829 -1.792 -1.496  -0.375 
87.092  -1.279  -171.713 6 BB_DA5DG4:DC9DT8_AA    B 5 ? A 8  ? B 4 ? A 9  ? 
1 B DG  4 1_555 A DC 9  1_555 B CBR 3 1_555 A DG 10 1_555 0.004  -5.545 4.045  -5.676   2.773    -5.968  25.881 -21.925 4.551  
-20.484 -41.937 -8.688   7 BB_DG4CBR3:DG10DC9_AA  B 4 ? A 9  ? B 3 ? A 10 ? 
1 B CBR 3 1_555 A DG 10 1_555 B DG  2 1_555 A DC 11 1_555 -0.364 1.144  3.374  -1.453   3.374    -50.431 -1.584 -0.531  3.285  
-3.954  -1.703  -50.555  8 BB_CBR3DG2:DC11DG10_AA B 3 ? A 10 ? B 2 ? A 11 ? 
1 B DG  2 1_555 A DC 11 1_555 B DC  1 1_555 A DG 12 1_555 0.465  -5.228 3.413  3.907    0.162    -10.082 27.481 8.908   3.093  
-0.881  21.215  -10.812  9 BB_DG2DC1:DG12DC11_AA  B 2 ? A 11 ? B 1 ? A 12 ? 
# 
_atom_sites.entry_id                    4L26 
_atom_sites.fract_transf_matrix[1][1]   0.01192442 
_atom_sites.fract_transf_matrix[1][2]   0.03446390 
_atom_sites.fract_transf_matrix[1][3]   0.00652973 
_atom_sites.fract_transf_matrix[2][1]   0.01668083 
_atom_sites.fract_transf_matrix[2][2]   -0.00898752 
_atom_sites.fract_transf_matrix[2][3]   0.01697402 
_atom_sites.fract_transf_matrix[3][1]   0.02417297 
_atom_sites.fract_transf_matrix[3][2]   0.00180460 
_atom_sites.fract_transf_matrix[3][3]   -0.02279992 
_atom_sites.fract_transf_vector[1]      0.713097 
_atom_sites.fract_transf_vector[2]      0.807724 
_atom_sites.fract_transf_vector[3]      0.712455 
# 
loop_
_atom_type.symbol 
BR 
C  
N  
O  
P  
# 
loop_
_atom_site.group_PDB 
_atom_site.id 
_atom_site.type_symbol 
_atom_site.label_atom_id 
_atom_site.label_alt_id 
_atom_site.label_comp_id 
_atom_site.label_asym_id 
_atom_site.label_entity_id 
_atom_site.label_seq_id 
_atom_site.pdbx_PDB_ins_code 
_atom_site.Cartn_x 
_atom_site.Cartn_y 
_atom_site.Cartn_z 
_atom_site.occupancy 
_atom_site.B_iso_or_equiv 
_atom_site.pdbx_formal_charge 
_atom_site.auth_seq_id 
_atom_site.auth_comp_id 
_atom_site.auth_asym_id 
_atom_site.auth_atom_id 
_atom_site.pdbx_PDB_model_num 
ATOM   1   O  "O5'" . DC  A 1 1  ? -9.126  -2.757  -14.156 1.00 23.32 ? 1   DC  A "O5'" 1 
ATOM   2   C  "C5'" . DC  A 1 1  ? -8.497  -1.611  -13.580 1.00 19.81 ? 1   DC  A "C5'" 1 
ATOM   3   C  "C4'" . DC  A 1 1  ? -7.085  -1.438  -14.093 1.00 16.43 ? 1   DC  A "C4'" 1 
ATOM   4   O  "O4'" . DC  A 1 1  ? -6.351  -2.665  -13.861 1.00 16.48 ? 1   DC  A "O4'" 1 
ATOM   5   C  "C3'" . DC  A 1 1  ? -6.978  -1.161  -15.597 1.00 17.18 ? 1   DC  A "C3'" 1 
ATOM   6   O  "O3'" . DC  A 1 1  ? -5.866  -0.298  -15.854 1.00 17.91 ? 1   DC  A "O3'" 1 
ATOM   7   C  "C2'" . DC  A 1 1  ? -6.652  -2.527  -16.169 1.00 17.07 ? 1   DC  A "C2'" 1 
ATOM   8   C  "C1'" . DC  A 1 1  ? -5.760  -3.096  -15.077 1.00 15.82 ? 1   DC  A "C1'" 1 
ATOM   9   N  N1    . DC  A 1 1  ? -5.677  -4.565  -15.056 1.00 15.02 ? 1   DC  A N1    1 
ATOM   10  C  C2    . DC  A 1 1  ? -4.505  -5.180  -15.502 1.00 13.75 ? 1   DC  A C2    1 
ATOM   11  O  O2    . DC  A 1 1  ? -3.558  -4.467  -15.875 1.00 13.75 ? 1   DC  A O2    1 
ATOM   12  N  N3    . DC  A 1 1  ? -4.427  -6.529  -15.520 1.00 12.68 ? 1   DC  A N3    1 
ATOM   13  C  C4    . DC  A 1 1  ? -5.469  -7.264  -15.113 1.00 12.66 ? 1   DC  A C4    1 
ATOM   14  N  N4    . DC  A 1 1  ? -5.359  -8.591  -15.180 1.00 15.59 ? 1   DC  A N4    1 
ATOM   15  C  C5    . DC  A 1 1  ? -6.667  -6.663  -14.628 1.00 14.57 ? 1   DC  A C5    1 
ATOM   16  C  C6    . DC  A 1 1  ? -6.727  -5.322  -14.618 1.00 14.58 ? 1   DC  A C6    1 
ATOM   17  P  P     . DG  A 1 2  ? -6.098  1.279   -16.012 1.00 18.45 ? 2   DG  A P     1 
ATOM   18  O  OP1   . DG  A 1 2  ? -7.347  1.513   -16.779 1.00 20.37 ? 2   DG  A OP1   1 
ATOM   19  O  OP2   . DG  A 1 2  ? -4.813  1.848   -16.495 1.00 18.03 ? 2   DG  A OP2   1 
ATOM   20  O  "O5'" . DG  A 1 2  ? -6.342  1.774   -14.520 1.00 19.92 ? 2   DG  A "O5'" 1 
ATOM   21  C  "C5'" . DG  A 1 2  ? -5.293  1.700   -13.568 1.00 20.66 ? 2   DG  A "C5'" 1 
ATOM   22  C  "C4'" . DG  A 1 2  ? -5.773  2.154   -12.210 1.00 19.24 ? 2   DG  A "C4'" 1 
ATOM   23  O  "O4'" . DG  A 1 2  ? -6.879  1.341   -11.767 1.00 19.51 ? 2   DG  A "O4'" 1 
ATOM   24  C  "C3'" . DG  A 1 2  ? -4.688  2.003   -11.155 1.00 19.59 ? 2   DG  A "C3'" 1 
ATOM   25  O  "O3'" . DG  A 1 2  ? -4.016  3.255   -11.005 1.00 19.28 ? 2   DG  A "O3'" 1 
ATOM   26  C  "C2'" . DG  A 1 2  ? -5.432  1.593   -9.896  1.00 18.96 ? 2   DG  A "C2'" 1 
ATOM   27  C  "C1'" . DG  A 1 2  ? -6.742  0.994   -10.399 1.00 18.18 ? 2   DG  A "C1'" 1 
ATOM   28  N  N9    . DG  A 1 2  ? -6.882  -0.457  -10.297 1.00 14.77 ? 2   DG  A N9    1 
ATOM   29  C  C8    . DG  A 1 2  ? -7.960  -1.133  -9.775  1.00 15.56 ? 2   DG  A C8    1 
ATOM   30  N  N7    . DG  A 1 2  ? -7.843  -2.430  -9.858  1.00 15.72 ? 2   DG  A N7    1 
ATOM   31  C  C5    . DG  A 1 2  ? -6.609  -2.629  -10.462 1.00 15.22 ? 2   DG  A C5    1 
ATOM   32  C  C6    . DG  A 1 2  ? -5.943  -3.835  -10.822 1.00 13.99 ? 2   DG  A C6    1 
ATOM   33  O  O6    . DG  A 1 2  ? -6.333  -5.000  -10.698 1.00 15.03 ? 2   DG  A O6    1 
ATOM   34  N  N1    . DG  A 1 2  ? -4.701  -3.583  -11.393 1.00 13.96 ? 2   DG  A N1    1 
ATOM   35  C  C2    . DG  A 1 2  ? -4.171  -2.334  -11.606 1.00 15.23 ? 2   DG  A C2    1 
ATOM   36  N  N2    . DG  A 1 2  ? -2.948  -2.303  -12.162 1.00 15.41 ? 2   DG  A N2    1 
ATOM   37  N  N3    . DG  A 1 2  ? -4.791  -1.199  -11.295 1.00 14.45 ? 2   DG  A N3    1 
ATOM   38  C  C4    . DG  A 1 2  ? -5.993  -1.420  -10.727 1.00 15.13 ? 2   DG  A C4    1 
HETATM 39  BR BR    . CBR A 1 3  ? -5.783  -0.953  -6.853  1.00 21.12 ? 3   CBR A BR    1 
HETATM 40  P  P     . CBR A 1 3  ? -2.424  3.309   -11.137 1.00 20.37 ? 3   CBR A P     1 
HETATM 41  O  OP1   . CBR A 1 3  ? -1.982  4.662   -10.713 1.00 21.46 ? 3   CBR A OP1   1 
HETATM 42  O  OP2   . CBR A 1 3  ? -2.032  2.800   -12.478 1.00 21.00 ? 3   CBR A OP2   1 
HETATM 43  O  "O5'" . CBR A 1 3  ? -1.959  2.246   -10.045 1.00 19.12 ? 3   CBR A "O5'" 1 
HETATM 44  N  N1    . CBR A 1 3  ? -2.031  -1.697  -8.426  1.00 14.13 ? 3   CBR A N1    1 
HETATM 45  C  C6    . CBR A 1 3  ? -3.142  -1.085  -7.920  1.00 15.69 ? 3   CBR A C6    1 
HETATM 46  C  C2    . CBR A 1 3  ? -2.016  -3.082  -8.625  1.00 14.86 ? 3   CBR A C2    1 
HETATM 47  O  O2    . CBR A 1 3  ? -0.991  -3.610  -9.079  1.00 16.02 ? 3   CBR A O2    1 
HETATM 48  N  N3    . CBR A 1 3  ? -3.115  -3.807  -8.311  1.00 13.50 ? 3   CBR A N3    1 
HETATM 49  C  C4    . CBR A 1 3  ? -4.189  -3.200  -7.806  1.00 15.41 ? 3   CBR A C4    1 
HETATM 50  N  N4    . CBR A 1 3  ? -5.242  -3.949  -7.494  1.00 15.67 ? 3   CBR A N4    1 
HETATM 51  C  C5    . CBR A 1 3  ? -4.225  -1.795  -7.594  1.00 14.06 ? 3   CBR A C5    1 
HETATM 52  C  "C2'" . CBR A 1 3  ? -0.671  -0.599  -10.237 1.00 14.77 ? 3   CBR A "C2'" 1 
HETATM 53  C  "C5'" . CBR A 1 3  ? -0.897  2.532   -9.142  1.00 16.13 ? 3   CBR A "C5'" 1 
HETATM 54  C  "C4'" . CBR A 1 3  ? -0.105  1.275   -8.873  1.00 13.92 ? 3   CBR A "C4'" 1 
HETATM 55  O  "O4'" . CBR A 1 3  ? -0.920  0.331   -8.128  1.00 13.03 ? 3   CBR A "O4'" 1 
HETATM 56  C  "C1'" . CBR A 1 3  ? -0.831  -0.927  -8.767  1.00 15.12 ? 3   CBR A "C1'" 1 
HETATM 57  C  "C3'" . CBR A 1 3  ? 0.331   0.538   -10.146 1.00 15.28 ? 3   CBR A "C3'" 1 
HETATM 58  O  "O3'" . CBR A 1 3  ? 1.630   -0.017  -9.948  1.00 16.07 ? 3   CBR A "O3'" 1 
ATOM   59  P  P     . DG  A 1 4  ? 2.908   0.684   -10.619 1.00 19.03 ? 4   DG  A P     1 
ATOM   60  O  OP1   . DG  A 1 4  ? 2.642   0.878   -12.064 1.00 17.73 ? 4   DG  A OP1   1 
ATOM   61  O  OP2   . DG  A 1 4  ? 4.093   -0.094  -10.183 1.00 17.99 ? 4   DG  A OP2   1 
ATOM   62  O  "O5'" . DG  A 1 4  ? 2.954   2.127   -9.942  1.00 18.13 ? 4   DG  A "O5'" 1 
ATOM   63  C  "C5'" . DG  A 1 4  ? 3.612   2.335   -8.697  1.00 17.95 ? 4   DG  A "C5'" 1 
ATOM   64  C  "C4'" . DG  A 1 4  ? 3.310   3.722   -8.182  1.00 16.98 ? 4   DG  A "C4'" 1 
ATOM   65  O  "O4'" . DG  A 1 4  ? 1.900   3.828   -7.856  1.00 14.87 ? 4   DG  A "O4'" 1 
ATOM   66  C  "C3'" . DG  A 1 4  ? 4.062   4.134   -6.918  1.00 17.85 ? 4   DG  A "C3'" 1 
ATOM   67  O  "O3'" . DG  A 1 4  ? 4.383   5.530   -7.038  1.00 18.49 ? 4   DG  A "O3'" 1 
ATOM   68  C  "C2'" . DG  A 1 4  ? 3.059   3.845   -5.814  1.00 16.22 ? 4   DG  A "C2'" 1 
ATOM   69  C  "C1'" . DG  A 1 4  ? 1.749   4.192   -6.493  1.00 13.84 ? 4   DG  A "C1'" 1 
ATOM   70  N  N9    . DG  A 1 4  ? 0.549   3.534   -5.982  1.00 13.10 ? 4   DG  A N9    1 
ATOM   71  C  C8    . DG  A 1 4  ? -0.639  4.158   -5.696  1.00 13.90 ? 4   DG  A C8    1 
ATOM   72  N  N7    . DG  A 1 4  ? -1.566  3.337   -5.280  1.00 14.11 ? 4   DG  A N7    1 
ATOM   73  C  C5    . DG  A 1 4  ? -0.955  2.089   -5.288  1.00 13.95 ? 4   DG  A C5    1 
ATOM   74  C  C6    . DG  A 1 4  ? -1.477  0.806   -4.953  1.00 11.99 ? 4   DG  A C6    1 
ATOM   75  O  O6    . DG  A 1 4  ? -2.613  0.510   -4.566  1.00 14.16 ? 4   DG  A O6    1 
ATOM   76  N  N1    . DG  A 1 4  ? -0.525  -0.192  -5.108  1.00 12.80 ? 4   DG  A N1    1 
ATOM   77  C  C2    . DG  A 1 4  ? 0.764   0.005   -5.525  1.00 12.94 ? 4   DG  A C2    1 
ATOM   78  N  N2    . DG  A 1 4  ? 1.519   -1.102  -5.608  1.00 12.80 ? 4   DG  A N2    1 
ATOM   79  N  N3    . DG  A 1 4  ? 1.272   1.197   -5.840  1.00 12.11 ? 4   DG  A N3    1 
ATOM   80  C  C4    . DG  A 1 4  ? 0.357   2.188   -5.705  1.00 13.61 ? 4   DG  A C4    1 
ATOM   81  P  P     . DA  A 1 5  ? 5.186   6.288   -5.868  1.00 18.82 ? 5   DA  A P     1 
ATOM   82  O  OP1   . DA  A 1 5  ? 5.910   7.400   -6.542  1.00 19.94 ? 5   DA  A OP1   1 
ATOM   83  O  OP2   . DA  A 1 5  ? 5.937   5.332   -5.026  1.00 18.35 ? 5   DA  A OP2   1 
ATOM   84  O  "O5'" . DA  A 1 5  ? 4.026   6.938   -4.993  1.00 17.60 ? 5   DA  A "O5'" 1 
ATOM   85  C  "C5'" . DA  A 1 5  ? 3.060   7.778   -5.612  1.00 17.65 ? 5   DA  A "C5'" 1 
ATOM   86  C  "C4'" . DA  A 1 5  ? 1.886   8.007   -4.690  1.00 17.35 ? 5   DA  A "C4'" 1 
ATOM   87  O  "O4'" . DA  A 1 5  ? 1.209   6.762   -4.389  1.00 16.46 ? 5   DA  A "O4'" 1 
ATOM   88  C  "C3'" . DA  A 1 5  ? 2.193   8.644   -3.335  1.00 17.15 ? 5   DA  A "C3'" 1 
ATOM   89  O  "O3'" . DA  A 1 5  ? 1.037   9.426   -3.013  1.00 19.98 ? 5   DA  A "O3'" 1 
ATOM   90  C  "C2'" . DA  A 1 5  ? 2.267   7.429   -2.422  1.00 15.73 ? 5   DA  A "C2'" 1 
ATOM   91  C  "C1'" . DA  A 1 5  ? 1.109   6.625   -2.981  1.00 15.69 ? 5   DA  A "C1'" 1 
ATOM   92  N  N9    . DA  A 1 5  ? 1.049   5.195   -2.678  1.00 12.73 ? 5   DA  A N9    1 
ATOM   93  C  C8    . DA  A 1 5  ? 2.044   4.249   -2.664  1.00 12.71 ? 5   DA  A C8    1 
ATOM   94  N  N7    . DA  A 1 5  ? 1.609   3.032   -2.421  1.00 13.69 ? 5   DA  A N7    1 
ATOM   95  C  C5    . DA  A 1 5  ? 0.240   3.194   -2.244  1.00 13.15 ? 5   DA  A C5    1 
ATOM   96  C  C6    . DA  A 1 5  ? -0.804  2.283   -1.962  1.00 12.00 ? 5   DA  A C6    1 
ATOM   97  N  N6    . DA  A 1 5  ? -0.624  0.966   -1.804  1.00 11.50 ? 5   DA  A N6    1 
ATOM   98  N  N1    . DA  A 1 5  ? -2.059  2.781   -1.847  1.00 13.11 ? 5   DA  A N1    1 
ATOM   99  C  C2    . DA  A 1 5  ? -2.244  4.099   -2.008  1.00 12.13 ? 5   DA  A C2    1 
ATOM   100 N  N3    . DA  A 1 5  ? -1.348  5.048   -2.277  1.00 11.37 ? 5   DA  A N3    1 
ATOM   101 C  C4    . DA  A 1 5  ? -0.114  4.522   -2.384  1.00 13.09 ? 5   DA  A C4    1 
ATOM   102 P  P     . DT  A 1 6  ? 1.157   10.733  -2.083  1.00 17.58 ? 6   DT  A P     1 
ATOM   103 O  OP1   . DT  A 1 6  ? 0.812   11.906  -2.919  1.00 22.48 ? 6   DT  A OP1   1 
ATOM   104 O  OP2   . DT  A 1 6  ? 2.445   10.708  -1.338  1.00 22.92 ? 6   DT  A OP2   1 
ATOM   105 O  "O5'" . DT  A 1 6  ? -0.011  10.483  -1.029  1.00 18.84 ? 6   DT  A "O5'" 1 
ATOM   106 C  "C5'" . DT  A 1 6  ? -1.011  11.460  -0.752  1.00 15.81 ? 6   DT  A "C5'" 1 
ATOM   107 C  "C4'" . DT  A 1 6  ? -2.314  10.767  -0.427  1.00 15.13 ? 6   DT  A "C4'" 1 
ATOM   108 O  "O4'" . DT  A 1 6  ? -2.944  10.296  -1.645  1.00 14.23 ? 6   DT  A "O4'" 1 
ATOM   109 C  "C3'" . DT  A 1 6  ? -2.182  9.539   0.480   1.00 15.56 ? 6   DT  A "C3'" 1 
ATOM   110 O  "O3'" . DT  A 1 6  ? -3.337  9.440   1.317   1.00 15.92 ? 6   DT  A "O3'" 1 
ATOM   111 C  "C2'" . DT  A 1 6  ? -2.186  8.390   -0.514  1.00 14.68 ? 6   DT  A "C2'" 1 
ATOM   112 C  "C1'" . DT  A 1 6  ? -3.175  8.896   -1.549  1.00 13.38 ? 6   DT  A "C1'" 1 
ATOM   113 N  N1    . DT  A 1 6  ? -3.023  8.307   -2.896  1.00 12.76 ? 6   DT  A N1    1 
ATOM   114 C  C2    . DT  A 1 6  ? -3.720  7.149   -3.167  1.00 13.95 ? 6   DT  A C2    1 
ATOM   115 O  O2    . DT  A 1 6  ? -4.409  6.594   -2.339  1.00 15.06 ? 6   DT  A O2    1 
ATOM   116 N  N3    . DT  A 1 6  ? -3.568  6.667   -4.443  1.00 14.15 ? 6   DT  A N3    1 
ATOM   117 C  C4    . DT  A 1 6  ? -2.798  7.211   -5.453  1.00 15.07 ? 6   DT  A C4    1 
ATOM   118 O  O4    . DT  A 1 6  ? -2.770  6.675   -6.560  1.00 16.78 ? 6   DT  A O4    1 
ATOM   119 C  C5    . DT  A 1 6  ? -2.072  8.413   -5.095  1.00 14.70 ? 6   DT  A C5    1 
ATOM   120 C  C7    . DT  A 1 6  ? -1.190  9.060   -6.116  1.00 16.24 ? 6   DT  A C7    1 
ATOM   121 C  C6    . DT  A 1 6  ? -2.220  8.896   -3.852  1.00 13.28 ? 6   DT  A C6    1 
ATOM   122 P  P     . DT  A 1 7  ? -3.251  8.682   2.733   1.00 16.29 ? 7   DT  A P     1 
ATOM   123 O  OP1   . DT  A 1 7  ? -4.542  8.981   3.406   1.00 17.70 ? 7   DT  A OP1   1 
ATOM   124 O  OP2   . DT  A 1 7  ? -1.973  9.020   3.408   1.00 17.57 ? 7   DT  A OP2   1 
ATOM   125 O  "O5'" . DT  A 1 7  ? -3.212  7.123   2.374   1.00 14.77 ? 7   DT  A "O5'" 1 
ATOM   126 C  "C5'" . DT  A 1 7  ? -4.276  6.493   1.654   1.00 13.70 ? 7   DT  A "C5'" 1 
ATOM   127 C  "C4'" . DT  A 1 7  ? -4.017  5.006   1.531   1.00 14.76 ? 7   DT  A "C4'" 1 
ATOM   128 O  "O4'" . DT  A 1 7  ? -2.750  4.804   0.857   1.00 13.89 ? 7   DT  A "O4'" 1 
ATOM   129 C  "C3'" . DT  A 1 7  ? -3.888  4.262   2.864   1.00 14.61 ? 7   DT  A "C3'" 1 
ATOM   130 O  "O3'" . DT  A 1 7  ? -4.258  2.884   2.698   1.00 15.81 ? 7   DT  A "O3'" 1 
ATOM   131 C  "C2'" . DT  A 1 7  ? -2.393  4.313   3.115   1.00 13.76 ? 7   DT  A "C2'" 1 
ATOM   132 C  "C1'" . DT  A 1 7  ? -1.867  4.087   1.710   1.00 14.64 ? 7   DT  A "C1'" 1 
ATOM   133 N  N1    . DT  A 1 7  ? -0.499  4.576   1.457   1.00 12.65 ? 7   DT  A N1    1 
ATOM   134 C  C2    . DT  A 1 7  ? 0.459   3.662   1.063   1.00 11.80 ? 7   DT  A C2    1 
ATOM   135 O  O2    . DT  A 1 7  ? 0.247   2.464   0.977   1.00 12.71 ? 7   DT  A O2    1 
ATOM   136 N  N3    . DT  A 1 7  ? 1.683   4.204   0.779   1.00 10.42 ? 7   DT  A N3    1 
ATOM   137 C  C4    . DT  A 1 7  ? 2.049   5.536   0.872   1.00 13.25 ? 7   DT  A C4    1 
ATOM   138 O  O4    . DT  A 1 7  ? 3.181   5.887   0.554   1.00 13.45 ? 7   DT  A O4    1 
ATOM   139 C  C5    . DT  A 1 7  ? 1.014   6.430   1.342   1.00 11.80 ? 7   DT  A C5    1 
ATOM   140 C  C7    . DT  A 1 7  ? 1.341   7.874   1.538   1.00 13.46 ? 7   DT  A C7    1 
ATOM   141 C  C6    . DT  A 1 7  ? -0.196  5.915   1.596   1.00 12.77 ? 7   DT  A C6    1 
ATOM   142 P  P     . DT  A 1 8  ? -5.787  2.492   2.418   1.00 14.59 ? 8   DT  A P     1 
ATOM   143 O  OP1   . DT  A 1 8  ? -5.868  2.031   1.007   1.00 13.21 ? 8   DT  A OP1   1 
ATOM   144 O  OP2   . DT  A 1 8  ? -6.647  3.615   2.866   1.00 14.76 ? 8   DT  A OP2   1 
ATOM   145 O  "O5'" . DT  A 1 8  ? -6.036  1.223   3.347   1.00 13.81 ? 8   DT  A "O5'" 1 
ATOM   146 C  "C5'" . DT  A 1 8  ? -7.267  0.494   3.290   1.00 14.42 ? 8   DT  A "C5'" 1 
ATOM   147 C  "C4'" . DT  A 1 8  ? -7.041  -0.945  3.691   1.00 15.08 ? 8   DT  A "C4'" 1 
ATOM   148 O  "O4'" . DT  A 1 8  ? -6.137  -1.590  2.771   1.00 14.29 ? 8   DT  A "O4'" 1 
ATOM   149 C  "C3'" . DT  A 1 8  ? -6.404  -1.132  5.060   1.00 15.11 ? 8   DT  A "C3'" 1 
ATOM   150 O  "O3'" . DT  A 1 8  ? -7.441  -1.155  6.046   1.00 16.29 ? 8   DT  A "O3'" 1 
ATOM   151 C  "C2'" . DT  A 1 8  ? -5.723  -2.486  4.935   1.00 14.59 ? 8   DT  A "C2'" 1 
ATOM   152 C  "C1'" . DT  A 1 8  ? -5.414  -2.619  3.440   1.00 14.54 ? 8   DT  A "C1'" 1 
ATOM   153 N  N1    . DT  A 1 8  ? -3.984  -2.466  3.093   1.00 12.60 ? 8   DT  A N1    1 
ATOM   154 C  C2    . DT  A 1 8  ? -3.186  -3.590  3.055   1.00 13.41 ? 8   DT  A C2    1 
ATOM   155 O  O2    . DT  A 1 8  ? -3.596  -4.712  3.320   1.00 15.45 ? 8   DT  A O2    1 
ATOM   156 N  N3    . DT  A 1 8  ? -1.879  -3.353  2.695   1.00 12.70 ? 8   DT  A N3    1 
ATOM   157 C  C4    . DT  A 1 8  ? -1.307  -2.134  2.385   1.00 13.21 ? 8   DT  A C4    1 
ATOM   158 O  O4    . DT  A 1 8  ? -0.131  -2.078  2.067   1.00 12.07 ? 8   DT  A O4    1 
ATOM   159 C  C5    . DT  A 1 8  ? -2.197  -0.998  2.464   1.00 13.28 ? 8   DT  A C5    1 
ATOM   160 C  C7    . DT  A 1 8  ? -1.661  0.363   2.165   1.00 12.71 ? 8   DT  A C7    1 
ATOM   161 C  C6    . DT  A 1 8  ? -3.471  -1.218  2.809   1.00 14.19 ? 8   DT  A C6    1 
ATOM   162 P  P     . DC  A 1 9  ? -7.089  -0.870  7.584   1.00 18.05 ? 9   DC  A P     1 
ATOM   163 O  OP1   . DC  A 1 9  ? -6.068  -1.861  7.997   1.00 19.82 ? 9   DC  A OP1   1 
ATOM   164 O  OP2   . DC  A 1 9  ? -8.364  -0.780  8.342   1.00 23.32 ? 9   DC  A OP2   1 
ATOM   165 O  "O5'" . DC  A 1 9  ? -6.406  0.566   7.560   1.00 18.13 ? 9   DC  A "O5'" 1 
ATOM   166 C  "C5'" . DC  A 1 9  ? -6.309  1.353   8.743   1.00 16.37 ? 9   DC  A "C5'" 1 
ATOM   167 C  "C4'" . DC  A 1 9  ? -5.341  2.490   8.521   1.00 15.31 ? 9   DC  A "C4'" 1 
ATOM   168 O  "O4'" . DC  A 1 9  ? -4.001  1.955   8.433   1.00 15.54 ? 9   DC  A "O4'" 1 
ATOM   169 C  "C3'" . DC  A 1 9  ? -5.585  3.266   7.224   1.00 17.39 ? 9   DC  A "C3'" 1 
ATOM   170 O  "O3'" . DC  A 1 9  ? -5.396  4.662   7.444   1.00 17.42 ? 9   DC  A "O3'" 1 
ATOM   171 C  "C2'" . DC  A 1 9  ? -4.517  2.736   6.284   1.00 15.27 ? 9   DC  A "C2'" 1 
ATOM   172 C  "C1'" . DC  A 1 9  ? -3.384  2.386   7.232   1.00 14.26 ? 9   DC  A "C1'" 1 
ATOM   173 N  N1    . DC  A 1 9  ? -2.524  1.294   6.756   1.00 12.83 ? 9   DC  A N1    1 
ATOM   174 C  C2    . DC  A 1 9  ? -1.328  1.614   6.107   1.00 13.08 ? 9   DC  A C2    1 
ATOM   175 O  O2    . DC  A 1 9  ? -1.035  2.809   5.948   1.00 13.75 ? 9   DC  A O2    1 
ATOM   176 N  N3    . DC  A 1 9  ? -0.523  0.615   5.667   1.00 13.79 ? 9   DC  A N3    1 
ATOM   177 C  C4    . DC  A 1 9  ? -0.877  -0.658  5.859   1.00 11.73 ? 9   DC  A C4    1 
ATOM   178 N  N4    . DC  A 1 9  ? -0.057  -1.612  5.415   1.00 13.55 ? 9   DC  A N4    1 
ATOM   179 C  C5    . DC  A 1 9  ? -2.094  -1.012  6.519   1.00 10.86 ? 9   DC  A C5    1 
ATOM   180 C  C6    . DC  A 1 9  ? -2.881  -0.013  6.943   1.00 12.44 ? 9   DC  A C6    1 
ATOM   181 P  P     . DG  A 1 10 ? -6.671  5.614   7.671   1.00 18.53 ? 10  DG  A P     1 
ATOM   182 O  OP1   . DG  A 1 10 ? -7.810  5.100   6.871   1.00 19.58 ? 10  DG  A OP1   1 
ATOM   183 O  OP2   . DG  A 1 10 ? -6.206  7.007   7.478   1.00 21.00 ? 10  DG  A OP2   1 
ATOM   184 O  "O5'" . DG  A 1 10 ? -7.033  5.395   9.210   1.00 18.85 ? 10  DG  A "O5'" 1 
ATOM   185 C  "C5'" . DG  A 1 10 ? -6.099  5.724   10.232  1.00 19.30 ? 10  DG  A "C5'" 1 
ATOM   186 C  "C4'" . DG  A 1 10 ? -6.624  5.290   11.581  1.00 18.87 ? 10  DG  A "C4'" 1 
ATOM   187 O  "O4'" . DG  A 1 10 ? -6.901  3.875   11.565  1.00 18.85 ? 10  DG  A "O4'" 1 
ATOM   188 C  "C3'" . DG  A 1 10 ? -5.633  5.515   12.716  1.00 20.77 ? 10  DG  A "C3'" 1 
ATOM   189 O  "O3'" . DG  A 1 10 ? -5.945  6.756   13.358  1.00 22.49 ? 10  DG  A "O3'" 1 
ATOM   190 C  "C2'" . DG  A 1 10 ? -5.862  4.341   13.653  1.00 20.24 ? 10  DG  A "C2'" 1 
ATOM   191 C  "C1'" . DG  A 1 10 ? -6.551  3.280   12.804  1.00 18.18 ? 10  DG  A "C1'" 1 
ATOM   192 N  N9    . DG  A 1 10 ? -5.760  2.088   12.510  1.00 17.71 ? 10  DG  A N9    1 
ATOM   193 C  C8    . DG  A 1 10 ? -6.125  0.782   12.728  1.00 16.81 ? 10  DG  A C8    1 
ATOM   194 N  N7    . DG  A 1 10 ? -5.229  -0.075  12.322  1.00 16.33 ? 10  DG  A N7    1 
ATOM   195 C  C5    . DG  A 1 10 ? -4.206  0.713   11.809  1.00 15.28 ? 10  DG  A C5    1 
ATOM   196 C  C6    . DG  A 1 10 ? -2.977  0.341   11.208  1.00 13.64 ? 10  DG  A C6    1 
ATOM   197 O  O6    . DG  A 1 10 ? -2.542  -0.797  10.987  1.00 14.30 ? 10  DG  A O6    1 
ATOM   198 N  N1    . DG  A 1 10 ? -2.230  1.459   10.835  1.00 12.53 ? 10  DG  A N1    1 
ATOM   199 C  C2    . DG  A 1 10 ? -2.628  2.762   11.007  1.00 13.49 ? 10  DG  A C2    1 
ATOM   200 N  N2    . DG  A 1 10 ? -1.777  3.704   10.568  1.00 14.55 ? 10  DG  A N2    1 
ATOM   201 N  N3    . DG  A 1 10 ? -3.777  3.118   11.561  1.00 14.61 ? 10  DG  A N3    1 
ATOM   202 C  C4    . DG  A 1 10 ? -4.510  2.051   11.933  1.00 16.04 ? 10  DG  A C4    1 
ATOM   203 P  P     . DC  A 1 11 ? -4.841  7.912   13.422  1.00 26.03 ? 11  DC  A P     1 
ATOM   204 O  OP1   . DC  A 1 11 ? -5.457  9.094   14.087  1.00 27.31 ? 11  DC  A OP1   1 
ATOM   205 O  OP2   . DC  A 1 11 ? -4.224  8.064   12.075  1.00 27.46 ? 11  DC  A OP2   1 
ATOM   206 O  "O5'" . DC  A 1 11 ? -3.747  7.311   14.410  1.00 23.02 ? 11  DC  A "O5'" 1 
ATOM   207 C  "C5'" . DC  A 1 11 ? -2.876  8.166   15.145  1.00 21.01 ? 11  DC  A "C5'" 1 
ATOM   208 C  "C4'" . DC  A 1 11 ? -1.446  7.914   14.737  1.00 19.14 ? 11  DC  A "C4'" 1 
ATOM   209 O  "O4'" . DC  A 1 11 ? -1.086  6.558   15.092  1.00 16.69 ? 11  DC  A "O4'" 1 
ATOM   210 C  "C3'" . DC  A 1 11 ? -1.197  8.037   13.230  1.00 18.66 ? 11  DC  A "C3'" 1 
ATOM   211 O  "O3'" . DC  A 1 11 ? 0.084   8.623   12.998  1.00 21.13 ? 11  DC  A "O3'" 1 
ATOM   212 C  "C2'" . DC  A 1 11 ? -1.178  6.593   12.764  1.00 16.44 ? 11  DC  A "C2'" 1 
ATOM   213 C  "C1'" . DC  A 1 11 ? -0.545  5.902   13.956  1.00 15.98 ? 11  DC  A "C1'" 1 
ATOM   214 N  N1    . DC  A 1 11 ? -0.861  4.471   14.075  1.00 13.51 ? 11  DC  A N1    1 
ATOM   215 C  C2    . DC  A 1 11 ? 0.034   3.534   13.534  1.00 15.42 ? 11  DC  A C2    1 
ATOM   216 O  O2    . DC  A 1 11 ? 1.061   3.940   12.968  1.00 15.20 ? 11  DC  A O2    1 
ATOM   217 N  N3    . DC  A 1 11 ? -0.244  2.219   13.640  1.00 14.70 ? 11  DC  A N3    1 
ATOM   218 C  C4    . DC  A 1 11 ? -1.363  1.820   14.253  1.00 13.63 ? 11  DC  A C4    1 
ATOM   219 N  N4    . DC  A 1 11 ? -1.604  0.512   14.325  1.00 17.13 ? 11  DC  A N4    1 
ATOM   220 C  C5    . DC  A 1 11 ? -2.289  2.748   14.817  1.00 13.80 ? 11  DC  A C5    1 
ATOM   221 C  C6    . DC  A 1 11 ? -2.001  4.052   14.704  1.00 12.53 ? 11  DC  A C6    1 
ATOM   222 P  P     . DG  A 1 12 ? 0.209   10.215  12.805  1.00 21.58 ? 12  DG  A P     1 
ATOM   223 O  OP1   . DG  A 1 12 ? -0.968  10.686  12.034  1.00 24.06 ? 12  DG  A OP1   1 
ATOM   224 O  OP2   . DG  A 1 12 ? 1.575   10.508  12.313  1.00 21.79 ? 12  DG  A OP2   1 
ATOM   225 O  "O5'" . DG  A 1 12 ? 0.094   10.776  14.292  1.00 22.62 ? 12  DG  A "O5'" 1 
ATOM   226 C  "C5'" . DG  A 1 12 ? 1.115   10.494  15.243  1.00 23.01 ? 12  DG  A "C5'" 1 
ATOM   227 C  "C4'" . DG  A 1 12 ? 0.717   10.987  16.614  1.00 22.02 ? 12  DG  A "C4'" 1 
ATOM   228 O  "O4'" . DG  A 1 12 ? -0.577  10.467  16.980  1.00 23.10 ? 12  DG  A "O4'" 1 
ATOM   229 C  "C3'" . DG  A 1 12 ? 1.664   10.498  17.703  1.00 24.08 ? 12  DG  A "C3'" 1 
ATOM   230 O  "O3'" . DG  A 1 12 ? 2.883   11.258  17.758  1.00 26.91 ? 12  DG  A "O3'" 1 
ATOM   231 C  "C2'" . DG  A 1 12 ? 0.784   10.438  18.938  1.00 20.68 ? 12  DG  A "C2'" 1 
ATOM   232 C  "C1'" . DG  A 1 12 ? -0.626  10.232  18.384  1.00 19.80 ? 12  DG  A "C1'" 1 
ATOM   233 N  N9    . DG  A 1 12 ? -1.200  8.904   18.591  1.00 17.57 ? 12  DG  A N9    1 
ATOM   234 C  C8    . DG  A 1 12 ? -2.412  8.617   19.171  1.00 18.42 ? 12  DG  A C8    1 
ATOM   235 N  N7    . DG  A 1 12 ? -2.686  7.342   19.185  1.00 19.15 ? 12  DG  A N7    1 
ATOM   236 C  C5    . DG  A 1 12 ? -1.585  6.745   18.587  1.00 16.64 ? 12  DG  A C5    1 
ATOM   237 C  C6    . DG  A 1 12 ? -1.321  5.379   18.309  1.00 15.69 ? 12  DG  A C6    1 
ATOM   238 O  O6    . DG  A 1 12 ? -2.038  4.396   18.536  1.00 16.53 ? 12  DG  A O6    1 
ATOM   239 N  N1    . DG  A 1 12 ? -0.083  5.211   17.700  1.00 15.16 ? 12  DG  A N1    1 
ATOM   240 C  C2    . DG  A 1 12 ? 0.789   6.225   17.385  1.00 16.77 ? 12  DG  A C2    1 
ATOM   241 N  N2    . DG  A 1 12 ? 1.937   5.854   16.800  1.00 18.16 ? 12  DG  A N2    1 
ATOM   242 N  N3    . DG  A 1 12 ? 0.550   7.509   17.629  1.00 17.57 ? 12  DG  A N3    1 
ATOM   243 C  C4    . DG  A 1 12 ? -0.648  7.692   18.227  1.00 17.03 ? 12  DG  A C4    1 
ATOM   244 O  "O5'" . DC  B 1 1  ? 3.656   -2.915  16.175  1.00 19.51 ? 1   DC  B "O5'" 1 
ATOM   245 C  "C5'" . DC  B 1 1  ? 4.396   -2.685  14.968  1.00 18.11 ? 1   DC  B "C5'" 1 
ATOM   246 C  "C4'" . DC  B 1 1  ? 4.765   -1.233  14.770  1.00 17.50 ? 1   DC  B "C4'" 1 
ATOM   247 O  "O4'" . DC  B 1 1  ? 3.559   -0.428  14.758  1.00 16.03 ? 1   DC  B "O4'" 1 
ATOM   248 C  "C3'" . DC  B 1 1  ? 5.652   -0.641  15.868  1.00 15.94 ? 1   DC  B "C3'" 1 
ATOM   249 O  "O3'" . DC  B 1 1  ? 6.515   0.352   15.314  1.00 17.52 ? 1   DC  B "O3'" 1 
ATOM   250 C  "C2'" . DC  B 1 1  ? 4.649   0.052   16.768  1.00 15.99 ? 1   DC  B "C2'" 1 
ATOM   251 C  "C1'" . DC  B 1 1  ? 3.660   0.586   15.748  1.00 16.59 ? 1   DC  B "C1'" 1 
ATOM   252 N  N1    . DC  B 1 1  ? 2.321   0.818   16.297  1.00 15.43 ? 1   DC  B N1    1 
ATOM   253 C  C2    . DC  B 1 1  ? 1.834   2.133   16.377  1.00 14.57 ? 1   DC  B C2    1 
ATOM   254 O  O2    . DC  B 1 1  ? 2.536   3.061   15.949  1.00 14.88 ? 1   DC  B O2    1 
ATOM   255 N  N3    . DC  B 1 1  ? 0.615   2.354   16.917  1.00 14.06 ? 1   DC  B N3    1 
ATOM   256 C  C4    . DC  B 1 1  ? -0.112  1.326   17.362  1.00 12.88 ? 1   DC  B C4    1 
ATOM   257 N  N4    . DC  B 1 1  ? -1.301  1.587   17.904  1.00 15.15 ? 1   DC  B N4    1 
ATOM   258 C  C5    . DC  B 1 1  ? 0.350   -0.020  17.274  1.00 14.78 ? 1   DC  B C5    1 
ATOM   259 C  C6    . DC  B 1 1  ? 1.560   -0.226  16.739  1.00 13.36 ? 1   DC  B C6    1 
ATOM   260 P  P     . DG  B 1 2  ? 8.015   -0.035  14.897  1.00 20.73 ? 2   DG  B P     1 
ATOM   261 O  OP1   . DG  B 1 2  ? 8.568   -0.975  15.905  1.00 21.99 ? 2   DG  B OP1   1 
ATOM   262 O  OP2   . DG  B 1 2  ? 8.734   1.229   14.586  1.00 19.56 ? 2   DG  B OP2   1 
ATOM   263 O  "O5'" . DG  B 1 2  ? 7.825   -0.833  13.535  1.00 20.63 ? 2   DG  B "O5'" 1 
ATOM   264 C  "C5'" . DG  B 1 2  ? 7.324   -0.173  12.385  1.00 21.02 ? 2   DG  B "C5'" 1 
ATOM   265 C  "C4'" . DG  B 1 2  ? 7.183   -1.149  11.243  1.00 18.55 ? 2   DG  B "C4'" 1 
ATOM   266 O  "O4'" . DG  B 1 2  ? 6.321   -2.239  11.630  1.00 17.20 ? 2   DG  B "O4'" 1 
ATOM   267 C  "C3'" . DG  B 1 2  ? 6.537   -0.514  10.021  1.00 18.74 ? 2   DG  B "C3'" 1 
ATOM   268 O  "O3'" . DG  B 1 2  ? 7.569   -0.085  9.135   1.00 18.93 ? 2   DG  B "O3'" 1 
ATOM   269 C  "C2'" . DG  B 1 2  ? 5.696   -1.625  9.421   1.00 18.20 ? 2   DG  B "C2'" 1 
ATOM   270 C  "C1'" . DG  B 1 2  ? 5.428   -2.573  10.581  1.00 16.47 ? 2   DG  B "C1'" 1 
ATOM   271 N  N9    . DG  B 1 2  ? 4.080   -2.558  11.136  1.00 15.15 ? 2   DG  B N9    1 
ATOM   272 C  C8    . DG  B 1 2  ? 3.296   -3.659  11.394  1.00 16.21 ? 2   DG  B C8    1 
ATOM   273 N  N7    . DG  B 1 2  ? 2.159   -3.360  11.957  1.00 16.97 ? 2   DG  B N7    1 
ATOM   274 C  C5    . DG  B 1 2  ? 2.182   -1.976  12.065  1.00 15.94 ? 2   DG  B C5    1 
ATOM   275 C  C6    . DG  B 1 2  ? 1.229   -1.087  12.618  1.00 13.77 ? 2   DG  B C6    1 
ATOM   276 O  O6    . DG  B 1 2  ? 0.155   -1.356  13.153  1.00 16.01 ? 2   DG  B O6    1 
ATOM   277 N  N1    . DG  B 1 2  ? 1.641   0.236   12.519  1.00 13.46 ? 2   DG  B N1    1 
ATOM   278 C  C2    . DG  B 1 2  ? 2.830   0.654   11.976  1.00 13.52 ? 2   DG  B C2    1 
ATOM   279 N  N2    . DG  B 1 2  ? 3.041   1.978   11.988  1.00 14.66 ? 2   DG  B N2    1 
ATOM   280 N  N3    . DG  B 1 2  ? 3.742   -0.168  11.467  1.00 15.39 ? 2   DG  B N3    1 
ATOM   281 C  C4    . DG  B 1 2  ? 3.354   -1.461  11.547  1.00 15.23 ? 2   DG  B C4    1 
HETATM 282 BR BR    . CBR B 1 3  ? 2.249   -2.688  7.969   1.00 22.73 ? 3   CBR B BR    1 
HETATM 283 P  P     . CBR B 1 3  ? 7.630   1.447   8.686   1.00 20.83 ? 3   CBR B P     1 
HETATM 284 O  OP1   . CBR B 1 3  ? 8.700   1.581   7.662   1.00 23.67 ? 3   CBR B OP1   1 
HETATM 285 O  OP2   . CBR B 1 3  ? 7.679   2.295   9.907   1.00 22.39 ? 3   CBR B OP2   1 
HETATM 286 O  "O5'" . CBR B 1 3  ? 6.213   1.647   7.984   1.00 20.36 ? 3   CBR B "O5'" 1 
HETATM 287 N  N1    . CBR B 1 3  ? 1.974   1.444   8.191   1.00 15.77 ? 3   CBR B N1    1 
HETATM 288 C  C6    . CBR B 1 3  ? 2.406   0.167   7.953   1.00 15.99 ? 3   CBR B C6    1 
HETATM 289 C  C2    . CBR B 1 3  ? 0.781   1.669   8.879   1.00 14.73 ? 3   CBR B C2    1 
HETATM 290 O  O2    . CBR B 1 3  ? 0.423   2.839   9.087   1.00 16.83 ? 3   CBR B O2    1 
HETATM 291 N  N3    . CBR B 1 3  ? 0.047   0.609   9.299   1.00 13.67 ? 3   CBR B N3    1 
HETATM 292 C  C4    . CBR B 1 3  ? 0.471   -0.632  9.056   1.00 15.32 ? 3   CBR B C4    1 
HETATM 293 N  N4    . CBR B 1 3  ? -0.283  -1.647  9.475   1.00 15.64 ? 3   CBR B N4    1 
HETATM 294 C  C5    . CBR B 1 3  ? 1.690   -0.885  8.366   1.00 16.06 ? 3   CBR B C5    1 
HETATM 295 C  "C2'" . CBR B 1 3  ? 3.579   3.294   8.782   1.00 17.22 ? 3   CBR B "C2'" 1 
HETATM 296 C  "C5'" . CBR B 1 3  ? 6.088   2.343   6.748   1.00 19.23 ? 3   CBR B "C5'" 1 
HETATM 297 C  "C4'" . CBR B 1 3  ? 4.779   3.100   6.718   1.00 18.17 ? 3   CBR B "C4'" 1 
HETATM 298 O  "O4'" . CBR B 1 3  ? 3.678   2.159   6.763   1.00 16.54 ? 3   CBR B "O4'" 1 
HETATM 299 C  "C1'" . CBR B 1 3  ? 2.743   2.606   7.722   1.00 15.05 ? 3   CBR B "C1'" 1 
HETATM 300 C  "C3'" . CBR B 1 3  ? 4.576   4.040   7.912   1.00 18.94 ? 3   CBR B "C3'" 1 
HETATM 301 O  "O3'" . CBR B 1 3  ? 3.993   5.264   7.463   1.00 20.83 ? 3   CBR B "O3'" 1 
ATOM   302 P  P     . DG  B 1 4  ? 4.916   6.567   7.295   1.00 22.69 ? 4   DG  B P     1 
ATOM   303 O  OP1   . DG  B 1 4  ? 5.717   6.712   8.534   1.00 24.38 ? 4   DG  B OP1   1 
ATOM   304 O  OP2   . DG  B 1 4  ? 4.046   7.688   6.838   1.00 23.22 ? 4   DG  B OP2   1 
ATOM   305 O  "O5'" . DG  B 1 4  ? 5.918   6.179   6.120   1.00 20.51 ? 4   DG  B "O5'" 1 
ATOM   306 C  "C5'" . DG  B 1 4  ? 5.551   6.344   4.753   1.00 19.92 ? 4   DG  B "C5'" 1 
ATOM   307 C  "C4'" . DG  B 1 4  ? 6.598   5.709   3.869   1.00 16.99 ? 4   DG  B "C4'" 1 
ATOM   308 O  "O4'" . DG  B 1 4  ? 6.627   4.278   4.087   1.00 15.26 ? 4   DG  B "O4'" 1 
ATOM   309 C  "C3'" . DG  B 1 4  ? 6.431   5.896   2.361   1.00 16.20 ? 4   DG  B "C3'" 1 
ATOM   310 O  "O3'" . DG  B 1 4  ? 7.753   6.045   1.814   1.00 18.36 ? 4   DG  B "O3'" 1 
ATOM   311 C  "C2'" . DG  B 1 4  ? 5.754   4.605   1.934   1.00 13.81 ? 4   DG  B "C2'" 1 
ATOM   312 C  "C1'" . DG  B 1 4  ? 6.412   3.600   2.858   1.00 14.77 ? 4   DG  B "C1'" 1 
ATOM   313 N  N9    . DG  B 1 4  ? 5.674   2.372   3.147   1.00 11.97 ? 4   DG  B N9    1 
ATOM   314 C  C8    . DG  B 1 4  ? 6.204   1.106   3.138   1.00 13.09 ? 4   DG  B C8    1 
ATOM   315 N  N7    . DG  B 1 4  ? 5.342   0.184   3.474   1.00 12.82 ? 4   DG  B N7    1 
ATOM   316 C  C5    . DG  B 1 4  ? 4.164   0.881   3.714   1.00 13.36 ? 4   DG  B C5    1 
ATOM   317 C  C6    . DG  B 1 4  ? 2.882   0.410   4.132   1.00 12.10 ? 4   DG  B C6    1 
ATOM   318 O  O6    . DG  B 1 4  ? 2.528   -0.753  4.379   1.00 13.99 ? 4   DG  B O6    1 
ATOM   319 N  N1    . DG  B 1 4  ? 1.973   1.453   4.265   1.00 11.85 ? 4   DG  B N1    1 
ATOM   320 C  C2    . DG  B 1 4  ? 2.259   2.780   4.041   1.00 9.95  ? 4   DG  B C2    1 
ATOM   321 N  N2    . DG  B 1 4  ? 1.257   3.649   4.257   1.00 13.17 ? 4   DG  B N2    1 
ATOM   322 N  N3    . DG  B 1 4  ? 3.441   3.229   3.644   1.00 12.07 ? 4   DG  B N3    1 
ATOM   323 C  C4    . DG  B 1 4  ? 4.343   2.233   3.506   1.00 12.56 ? 4   DG  B C4    1 
ATOM   324 P  P     . DA  B 1 5  ? 7.974   6.220   0.229   1.00 18.84 ? 5   DA  B P     1 
ATOM   325 O  OP1   . DA  B 1 5  ? 9.280   6.914   0.078   1.00 19.49 ? 5   DA  B OP1   1 
ATOM   326 O  OP2   . DA  B 1 5  ? 6.770   6.780   -0.435  1.00 18.55 ? 5   DA  B OP2   1 
ATOM   327 O  "O5'" . DA  B 1 5  ? 8.190   4.732   -0.291  1.00 17.21 ? 5   DA  B "O5'" 1 
ATOM   328 C  "C5'" . DA  B 1 5  ? 9.273   3.958   0.205   1.00 16.46 ? 5   DA  B "C5'" 1 
ATOM   329 C  "C4'" . DA  B 1 5  ? 9.158   2.529   -0.266  1.00 14.17 ? 5   DA  B "C4'" 1 
ATOM   330 O  "O4'" . DA  B 1 5  ? 7.947   1.917   0.241   1.00 14.30 ? 5   DA  B "O4'" 1 
ATOM   331 C  "C3'" . DA  B 1 5  ? 9.145   2.283   -1.775  1.00 15.08 ? 5   DA  B "C3'" 1 
ATOM   332 O  "O3'" . DA  B 1 5  ? 9.858   1.054   -1.968  1.00 16.80 ? 5   DA  B "O3'" 1 
ATOM   333 C  "C2'" . DA  B 1 5  ? 7.662   2.109   -2.066  1.00 13.93 ? 5   DA  B "C2'" 1 
ATOM   334 C  "C1'" . DA  B 1 5  ? 7.239   1.332   -0.836  1.00 12.21 ? 5   DA  B "C1'" 1 
ATOM   335 N  N9    . DA  B 1 5  ? 5.815   1.338   -0.484  1.00 11.72 ? 5   DA  B N9    1 
ATOM   336 C  C8    . DA  B 1 5  ? 4.906   2.366   -0.507  1.00 12.18 ? 5   DA  B C8    1 
ATOM   337 N  N7    . DA  B 1 5  ? 3.717   2.029   -0.054  1.00 12.17 ? 5   DA  B N7    1 
ATOM   338 C  C5    . DA  B 1 5  ? 3.856   0.685   0.275   1.00 12.37 ? 5   DA  B C5    1 
ATOM   339 C  C6    . DA  B 1 5  ? 2.958   -0.269  0.811   1.00 9.84  ? 5   DA  B C6    1 
ATOM   340 N  N6    . DA  B 1 5  ? 1.684   -0.006  1.114   1.00 9.86  ? 5   DA  B N6    1 
ATOM   341 N  N1    . DA  B 1 5  ? 3.424   -1.520  1.014   1.00 12.73 ? 5   DA  B N1    1 
ATOM   342 C  C2    . DA  B 1 5  ? 4.693   -1.795  0.689   1.00 9.74  ? 5   DA  B C2    1 
ATOM   343 N  N3    . DA  B 1 5  ? 5.624   -0.995  0.176   1.00 11.90 ? 5   DA  B N3    1 
ATOM   344 C  C4    . DA  B 1 5  ? 5.135   0.245   -0.002  1.00 12.07 ? 5   DA  B C4    1 
ATOM   345 P  P     . DT  B 1 6  ? 10.337  0.595   -3.433  1.00 17.76 ? 6   DT  B P     1 
ATOM   346 O  OP1   . DT  B 1 6  ? 11.815  0.508   -3.416  1.00 20.56 ? 6   DT  B OP1   1 
ATOM   347 O  OP2   . DT  B 1 6  ? 9.658   1.418   -4.464  1.00 21.04 ? 6   DT  B OP2   1 
ATOM   348 O  "O5'" . DT  B 1 6  ? 9.742   -0.880  -3.524  1.00 17.80 ? 6   DT  B "O5'" 1 
ATOM   349 C  "C5'" . DT  B 1 6  ? 10.564  -2.003  -3.829  1.00 17.58 ? 6   DT  B "C5'" 1 
ATOM   350 C  "C4'" . DT  B 1 6  ? 9.952   -3.253  -3.244  1.00 16.08 ? 6   DT  B "C4'" 1 
ATOM   351 O  "O4'" . DT  B 1 6  ? 10.098  -3.236  -1.801  1.00 15.09 ? 6   DT  B "O4'" 1 
ATOM   352 C  "C3'" . DT  B 1 6  ? 8.452   -3.417  -3.505  1.00 16.14 ? 6   DT  B "C3'" 1 
ATOM   353 O  "O3'" . DT  B 1 6  ? 8.148   -4.811  -3.621  1.00 16.53 ? 6   DT  B "O3'" 1 
ATOM   354 C  "C2'" . DT  B 1 6  ? 7.835   -2.867  -2.233  1.00 14.47 ? 6   DT  B "C2'" 1 
ATOM   355 C  "C1'" . DT  B 1 6  ? 8.820   -3.387  -1.206  1.00 14.17 ? 6   DT  B "C1'" 1 
ATOM   356 N  N1    . DT  B 1 6  ? 8.822   -2.673  0.080   1.00 14.35 ? 6   DT  B N1    1 
ATOM   357 C  C2    . DT  B 1 6  ? 7.927   -3.087  1.032   1.00 12.95 ? 6   DT  B C2    1 
ATOM   358 O  O2    . DT  B 1 6  ? 7.141   -3.997  0.847   1.00 13.48 ? 6   DT  B O2    1 
ATOM   359 N  N3    . DT  B 1 6  ? 7.982   -2.393  2.212   1.00 14.12 ? 6   DT  B N3    1 
ATOM   360 C  C4    . DT  B 1 6  ? 8.817   -1.344  2.527   1.00 14.73 ? 6   DT  B C4    1 
ATOM   361 O  O4    . DT  B 1 6  ? 8.741   -0.816  3.635   1.00 15.53 ? 6   DT  B O4    1 
ATOM   362 C  C5    . DT  B 1 6  ? 9.736   -0.952  1.478   1.00 16.01 ? 6   DT  B C5    1 
ATOM   363 C  C7    . DT  B 1 6  ? 10.686  0.176   1.727   1.00 17.22 ? 6   DT  B C7    1 
ATOM   364 C  C6    . DT  B 1 6  ? 9.692   -1.628  0.319   1.00 14.52 ? 6   DT  B C6    1 
ATOM   365 P  P     . DT  B 1 7  ? 6.881   -5.292  -4.484  1.00 16.16 ? 7   DT  B P     1 
ATOM   366 O  OP1   . DT  B 1 7  ? 6.944   -6.774  -4.529  1.00 17.74 ? 7   DT  B OP1   1 
ATOM   367 O  OP2   . DT  B 1 7  ? 6.830   -4.524  -5.753  1.00 17.86 ? 7   DT  B OP2   1 
ATOM   368 O  "O5'" . DT  B 1 7  ? 5.602   -4.877  -3.616  1.00 14.41 ? 7   DT  B "O5'" 1 
ATOM   369 C  "C5'" . DT  B 1 7  ? 5.350   -5.468  -2.334  1.00 15.05 ? 7   DT  B "C5'" 1 
ATOM   370 C  "C4'" . DT  B 1 7  ? 4.041   -4.960  -1.772  1.00 14.10 ? 7   DT  B "C4'" 1 
ATOM   371 O  "O4'" . DT  B 1 7  ? 4.109   -3.518  -1.652  1.00 14.24 ? 7   DT  B "O4'" 1 
ATOM   372 C  "C3'" . DT  B 1 7  ? 2.808   -5.246  -2.635  1.00 15.05 ? 7   DT  B "C3'" 1 
ATOM   373 O  "O3'" . DT  B 1 7  ? 1.643   -5.358  -1.807  1.00 14.19 ? 7   DT  B "O3'" 1 
ATOM   374 C  "C2'" . DT  B 1 7  ? 2.662   -3.968  -3.436  1.00 13.89 ? 7   DT  B "C2'" 1 
ATOM   375 C  "C1'" . DT  B 1 7  ? 3.046   -2.934  -2.390  1.00 14.27 ? 7   DT  B "C1'" 1 
ATOM   376 N  N1    . DT  B 1 7  ? 3.524   -1.654  -2.936  1.00 13.11 ? 7   DT  B N1    1 
ATOM   377 C  C2    . DT  B 1 7  ? 2.813   -0.516  -2.631  1.00 14.28 ? 7   DT  B C2    1 
ATOM   378 O  O2    . DT  B 1 7  ? 1.790   -0.531  -1.968  1.00 13.79 ? 7   DT  B O2    1 
ATOM   379 N  N3    . DT  B 1 7  ? 3.342   0.643   -3.140  1.00 13.81 ? 7   DT  B N3    1 
ATOM   380 C  C4    . DT  B 1 7  ? 4.471   0.765   -3.925  1.00 16.07 ? 7   DT  B C4    1 
ATOM   381 O  O4    . DT  B 1 7  ? 4.833   1.869   -4.304  1.00 14.75 ? 7   DT  B O4    1 
ATOM   382 C  C5    . DT  B 1 7  ? 5.146   -0.473  -4.236  1.00 14.79 ? 7   DT  B C5    1 
ATOM   383 C  C7    . DT  B 1 7  ? 6.348   -0.438  -5.124  1.00 15.33 ? 7   DT  B C7    1 
ATOM   384 C  C6    . DT  B 1 7  ? 4.652   -1.604  -3.723  1.00 14.66 ? 7   DT  B C6    1 
ATOM   385 P  P     . DT  B 1 8  ? 1.480   -6.603  -0.811  1.00 15.28 ? 8   DT  B P     1 
ATOM   386 O  OP1   . DT  B 1 8  ? 1.617   -6.099  0.581   1.00 13.60 ? 8   DT  B OP1   1 
ATOM   387 O  OP2   . DT  B 1 8  ? 2.358   -7.708  -1.274  1.00 14.80 ? 8   DT  B OP2   1 
ATOM   388 O  "O5'" . DT  B 1 8  ? -0.042  -7.025  -1.005  1.00 14.87 ? 8   DT  B "O5'" 1 
ATOM   389 C  "C5'" . DT  B 1 8  ? -0.613  -8.080  -0.234  1.00 16.51 ? 8   DT  B "C5'" 1 
ATOM   390 C  "C4'" . DT  B 1 8  ? -2.102  -7.873  -0.090  1.00 15.38 ? 8   DT  B "C4'" 1 
ATOM   391 O  "O4'" . DT  B 1 8  ? -2.380  -6.638  0.602   1.00 13.15 ? 8   DT  B "O4'" 1 
ATOM   392 C  "C3'" . DT  B 1 8  ? -2.879  -7.771  -1.399  1.00 14.34 ? 8   DT  B "C3'" 1 
ATOM   393 O  "O3'" . DT  B 1 8  ? -3.235  -9.086  -1.848  1.00 14.72 ? 8   DT  B "O3'" 1 
ATOM   394 C  "C2'" . DT  B 1 8  ? -4.112  -6.981  -0.997  1.00 13.63 ? 8   DT  B "C2'" 1 
ATOM   395 C  "C1'" . DT  B 1 8  ? -3.627  -6.104  0.162   1.00 13.13 ? 8   DT  B "C1'" 1 
ATOM   396 N  N1    . DT  B 1 8  ? -3.413  -4.685  -0.190  1.00 12.45 ? 8   DT  B N1    1 
ATOM   397 C  C2    . DT  B 1 8  ? -4.467  -3.801  -0.056  1.00 14.90 ? 8   DT  B C2    1 
ATOM   398 O  O2    . DT  B 1 8  ? -5.581  -4.138  0.315   1.00 15.77 ? 8   DT  B O2    1 
ATOM   399 N  N3    . DT  B 1 8  ? -4.168  -2.498  -0.374  1.00 14.07 ? 8   DT  B N3    1 
ATOM   400 C  C4    . DT  B 1 8  ? -2.953  -2.005  -0.806  1.00 14.38 ? 8   DT  B C4    1 
ATOM   401 O  O4    . DT  B 1 8  ? -2.818  -0.806  -1.034  1.00 14.31 ? 8   DT  B O4    1 
ATOM   402 C  C5    . DT  B 1 8  ? -1.906  -2.986  -0.944  1.00 13.88 ? 8   DT  B C5    1 
ATOM   403 C  C7    . DT  B 1 8  ? -0.562  -2.540  -1.426  1.00 14.01 ? 8   DT  B C7    1 
ATOM   404 C  C6    . DT  B 1 8  ? -2.182  -4.258  -0.634  1.00 14.35 ? 8   DT  B C6    1 
ATOM   405 P  P     . DC  B 1 9  ? -3.610  -9.331  -3.388  1.00 14.25 ? 9   DC  B P     1 
ATOM   406 O  OP1   . DC  B 1 9  ? -4.663  -8.358  -3.740  1.00 14.01 ? 9   DC  B OP1   1 
ATOM   407 O  OP2   . DC  B 1 9  ? -3.867  -10.785 -3.570  1.00 16.64 ? 9   DC  B OP2   1 
ATOM   408 O  "O5'" . DC  B 1 9  ? -2.281  -8.938  -4.169  1.00 11.67 ? 9   DC  B "O5'" 1 
ATOM   409 C  "C5'" . DC  B 1 9  ? -2.039  -9.416  -5.489  1.00 12.80 ? 9   DC  B "C5'" 1 
ATOM   410 C  "C4'" . DC  B 1 9  ? -0.922  -8.623  -6.124  1.00 13.47 ? 9   DC  B "C4'" 1 
ATOM   411 O  "O4'" . DC  B 1 9  ? -1.390  -7.278  -6.393  1.00 13.79 ? 9   DC  B "O4'" 1 
ATOM   412 C  "C3'" . DC  B 1 9  ? 0.319   -8.479  -5.243  1.00 14.29 ? 9   DC  B "C3'" 1 
ATOM   413 O  "O3'" . DC  B 1 9  ? 1.495   -8.523  -6.056  1.00 13.93 ? 9   DC  B "O3'" 1 
ATOM   414 C  "C2'" . DC  B 1 9  ? 0.147   -7.101  -4.627  1.00 14.91 ? 9   DC  B "C2'" 1 
ATOM   415 C  "C1'" . DC  B 1 9  ? -0.559  -6.333  -5.736  1.00 12.95 ? 9   DC  B "C1'" 1 
ATOM   416 N  N1    . DC  B 1 9  ? -1.417  -5.233  -5.268  1.00 12.87 ? 9   DC  B N1    1 
ATOM   417 C  C2    . DC  B 1 9  ? -0.944  -3.916  -5.362  1.00 12.83 ? 9   DC  B C2    1 
ATOM   418 O  O2    . DC  B 1 9  ? 0.197   -3.721  -5.806  1.00 13.67 ? 9   DC  B O2    1 
ATOM   419 N  N3    . DC  B 1 9  ? -1.742  -2.894  -4.961  1.00 12.29 ? 9   DC  B N3    1 
ATOM   420 C  C4    . DC  B 1 9  ? -2.963  -3.154  -4.475  1.00 11.02 ? 9   DC  B C4    1 
ATOM   421 N  N4    . DC  B 1 9  ? -3.724  -2.121  -4.106  1.00 13.56 ? 9   DC  B N4    1 
ATOM   422 C  C5    . DC  B 1 9  ? -3.458  -4.487  -4.351  1.00 13.31 ? 9   DC  B C5    1 
ATOM   423 C  C6    . DC  B 1 9  ? -2.661  -5.486  -4.755  1.00 12.83 ? 9   DC  B C6    1 
ATOM   424 P  P     . DG  B 1 10 ? 2.401   -9.855  -6.090  1.00 17.77 ? 10  DG  B P     1 
ATOM   425 O  OP1   . DG  B 1 10 ? 2.274   -10.577 -4.800  1.00 18.05 ? 10  DG  B OP1   1 
ATOM   426 O  OP2   . DG  B 1 10 ? 3.741   -9.461  -6.583  1.00 20.25 ? 10  DG  B OP2   1 
ATOM   427 O  "O5'" . DG  B 1 10 ? 1.703   -10.765 -7.194  1.00 17.26 ? 10  DG  B "O5'" 1 
ATOM   428 C  "C5'" . DG  B 1 10 ? 1.586   -10.319 -8.542  1.00 16.44 ? 10  DG  B "C5'" 1 
ATOM   429 C  "C4'" . DG  B 1 10 ? 0.722   -11.278 -9.325  1.00 15.03 ? 10  DG  B "C4'" 1 
ATOM   430 O  "O4'" . DG  B 1 10 ? -0.555  -11.421 -8.676  1.00 15.25 ? 10  DG  B "O4'" 1 
ATOM   431 C  "C3'" . DG  B 1 10 ? 0.433   -10.868 -10.767 1.00 16.55 ? 10  DG  B "C3'" 1 
ATOM   432 O  "O3'" . DG  B 1 10 ? 1.422   -11.498 -11.600 1.00 15.77 ? 10  DG  B "O3'" 1 
ATOM   433 C  "C2'" . DG  B 1 10 ? -0.969  -11.399 -11.020 1.00 15.50 ? 10  DG  B "C2'" 1 
ATOM   434 C  "C1'" . DG  B 1 10 ? -1.591  -11.565 -9.631  1.00 14.94 ? 10  DG  B "C1'" 1 
ATOM   435 N  N9    . DG  B 1 10 ? -2.637  -10.615 -9.271  1.00 14.86 ? 10  DG  B N9    1 
ATOM   436 C  C8    . DG  B 1 10 ? -3.912  -10.906 -8.846  1.00 13.54 ? 10  DG  B C8    1 
ATOM   437 N  N7    . DG  B 1 10 ? -4.603  -9.845  -8.530  1.00 14.50 ? 10  DG  B N7    1 
ATOM   438 C  C5    . DG  B 1 10 ? -3.738  -8.785  -8.777  1.00 12.73 ? 10  DG  B C5    1 
ATOM   439 C  C6    . DG  B 1 10 ? -3.922  -7.388  -8.604  1.00 12.80 ? 10  DG  B C6    1 
ATOM   440 O  O6    . DG  B 1 10 ? -4.913  -6.787  -8.190  1.00 13.60 ? 10  DG  B O6    1 
ATOM   441 N  N1    . DG  B 1 10 ? -2.781  -6.673  -8.969  1.00 12.13 ? 10  DG  B N1    1 
ATOM   442 C  C2    . DG  B 1 10 ? -1.621  -7.227  -9.436  1.00 14.08 ? 10  DG  B C2    1 
ATOM   443 N  N2    . DG  B 1 10 ? -0.636  -6.364  -9.737  1.00 11.79 ? 10  DG  B N2    1 
ATOM   444 N  N3    . DG  B 1 10 ? -1.433  -8.528  -9.600  1.00 13.20 ? 10  DG  B N3    1 
ATOM   445 C  C4    . DG  B 1 10 ? -2.527  -9.242  -9.250  1.00 13.65 ? 10  DG  B C4    1 
ATOM   446 P  P     A DC  B 1 11 ? 2.366   -10.592 -12.537 0.50 16.49 ? 11  DC  B P     1 
ATOM   447 P  P     B DC  B 1 11 ? 1.310   -11.439 -13.205 0.50 16.89 ? 11  DC  B P     1 
ATOM   448 O  OP1   A DC  B 1 11 ? 3.262   -11.505 -13.291 0.50 17.64 ? 11  DC  B OP1   1 
ATOM   449 O  OP1   B DC  B 1 11 ? -0.015  -11.958 -13.625 0.50 17.64 ? 11  DC  B OP1   1 
ATOM   450 O  OP2   A DC  B 1 11 ? 2.950   -9.533  -11.679 0.50 18.37 ? 11  DC  B OP2   1 
ATOM   451 O  OP2   B DC  B 1 11 ? 2.543   -12.069 -13.741 0.50 17.62 ? 11  DC  B OP2   1 
ATOM   452 O  "O5'" . DC  B 1 11 ? 1.365   -9.892  -13.561 1.00 17.50 ? 11  DC  B "O5'" 1 
ATOM   453 C  "C5'" . DC  B 1 11 ? 1.792   -9.474  -14.860 1.00 17.56 ? 11  DC  B "C5'" 1 
ATOM   454 C  "C4'" . DC  B 1 11 ? 1.581   -7.987  -15.030 1.00 18.12 ? 11  DC  B "C4'" 1 
ATOM   455 O  "O4'" . DC  B 1 11 ? 0.170   -7.660  -14.966 1.00 16.53 ? 11  DC  B "O4'" 1 
ATOM   456 C  "C3'" . DC  B 1 11 ? 2.265   -7.121  -13.972 1.00 18.33 ? 11  DC  B "C3'" 1 
ATOM   457 O  "O3'" . DC  B 1 11 ? 2.752   -5.923  -14.580 1.00 22.31 ? 11  DC  B "O3'" 1 
ATOM   458 C  "C2'" . DC  B 1 11 ? 1.131   -6.775  -13.026 1.00 16.87 ? 11  DC  B "C2'" 1 
ATOM   459 C  "C1'" . DC  B 1 11 ? -0.042  -6.654  -13.984 1.00 15.26 ? 11  DC  B "C1'" 1 
ATOM   460 N  N1    . DC  B 1 11 ? -1.360  -6.884  -13.369 1.00 15.75 ? 11  DC  B N1    1 
ATOM   461 C  C2    . DC  B 1 11 ? -2.092  -5.779  -12.906 1.00 15.39 ? 11  DC  B C2    1 
ATOM   462 O  O2    . DC  B 1 11 ? -1.604  -4.644  -13.022 1.00 15.71 ? 11  DC  B O2    1 
ATOM   463 N  N3    . DC  B 1 11 ? -3.304  -5.979  -12.347 1.00 14.89 ? 11  DC  B N3    1 
ATOM   464 C  C4    . DC  B 1 11 ? -3.793  -7.213  -12.233 1.00 14.19 ? 11  DC  B C4    1 
ATOM   465 N  N4    . DC  B 1 11 ? -4.991  -7.361  -11.664 1.00 15.26 ? 11  DC  B N4    1 
ATOM   466 C  C5    . DC  B 1 11 ? -3.074  -8.355  -12.698 1.00 15.50 ? 11  DC  B C5    1 
ATOM   467 C  C6    . DC  B 1 11 ? -1.871  -8.145  -13.255 1.00 13.50 ? 11  DC  B C6    1 
ATOM   468 P  P     . DG  B 1 12 ? 4.265   -5.857  -15.116 1.00 22.46 ? 12  DG  B P     1 
ATOM   469 O  OP1   . DG  B 1 12 ? 5.127   -6.605  -14.172 1.00 23.81 ? 12  DG  B OP1   1 
ATOM   470 O  OP2   . DG  B 1 12 ? 4.572   -4.440  -15.428 1.00 24.07 ? 12  DG  B OP2   1 
ATOM   471 O  "O5'" . DG  B 1 12 ? 4.227   -6.661  -16.490 1.00 23.13 ? 12  DG  B "O5'" 1 
ATOM   472 C  "C5'" . DG  B 1 12 ? 3.581   -6.102  -17.628 1.00 24.53 ? 12  DG  B "C5'" 1 
ATOM   473 C  "C4'" . DG  B 1 12 ? 3.528   -7.108  -18.753 1.00 24.64 ? 12  DG  B "C4'" 1 
ATOM   474 O  "O4'" . DG  B 1 12 ? 3.012   -8.363  -18.266 1.00 23.56 ? 12  DG  B "O4'" 1 
ATOM   475 C  "C3'" . DG  B 1 12 ? 2.579   -6.691  -19.869 1.00 25.91 ? 12  DG  B "C3'" 1 
ATOM   476 O  "O3'" . DG  B 1 12 ? 3.179   -5.735  -20.753 1.00 28.64 ? 12  DG  B "O3'" 1 
ATOM   477 C  "C2'" . DG  B 1 12 ? 2.096   -8.011  -20.438 1.00 23.82 ? 12  DG  B "C2'" 1 
ATOM   478 C  "C1'" . DG  B 1 12 ? 2.244   -8.998  -19.279 1.00 21.62 ? 12  DG  B "C1'" 1 
ATOM   479 N  N9    . DG  B 1 12 ? 1.004   -9.466  -18.666 1.00 18.40 ? 12  DG  B N9    1 
ATOM   480 C  C8    . DG  B 1 12 ? 0.620   -10.775 -18.508 1.00 18.38 ? 12  DG  B C8    1 
ATOM   481 N  N7    . DG  B 1 12 ? -0.530  -10.905 -17.905 1.00 17.48 ? 12  DG  B N7    1 
ATOM   482 C  C5    . DG  B 1 12 ? -0.937  -9.602  -17.651 1.00 15.89 ? 12  DG  B C5    1 
ATOM   483 C  C6    . DG  B 1 12 ? -2.109  -9.114  -17.016 1.00 14.51 ? 12  DG  B C6    1 
ATOM   484 O  O6    . DG  B 1 12 ? -3.043  -9.756  -16.526 1.00 15.48 ? 12  DG  B O6    1 
ATOM   485 N  N1    . DG  B 1 12 ? -2.130  -7.727  -16.974 1.00 15.13 ? 12  DG  B N1    1 
ATOM   486 C  C2    . DG  B 1 12 ? -1.147  -6.907  -17.464 1.00 12.81 ? 12  DG  B C2    1 
ATOM   487 N  N2    . DG  B 1 12 ? -1.357  -5.594  -17.310 1.00 16.07 ? 12  DG  B N2    1 
ATOM   488 N  N3    . DG  B 1 12 ? -0.040  -7.347  -18.057 1.00 16.89 ? 12  DG  B N3    1 
ATOM   489 C  C4    . DG  B 1 12 ? -0.005  -8.697  -18.118 1.00 15.24 ? 12  DG  B C4    1 
HETATM 490 O  O     . HOH C 2 .  ? -0.326  -5.731  2.772   1.00 15.68 ? 101 HOH A O     1 
HETATM 491 O  O     . HOH C 2 .  ? -4.160  1.492   -1.160  1.00 16.19 ? 102 HOH A O     1 
HETATM 492 O  O     . HOH C 2 .  ? -4.132  3.974   -4.723  1.00 17.31 ? 103 HOH A O     1 
HETATM 493 O  O     . HOH C 2 .  ? 5.313   5.120   -2.396  1.00 17.63 ? 104 HOH A O     1 
HETATM 494 O  O     . HOH C 2 .  ? -3.229  -2.298  -17.602 1.00 17.46 ? 105 HOH A O     1 
HETATM 495 O  O     . HOH C 2 .  ? -2.548  0.053   -16.032 1.00 20.89 ? 106 HOH A O     1 
HETATM 496 O  O     . HOH C 2 .  ? -2.635  6.692   9.868   1.00 18.99 ? 107 HOH A O     1 
HETATM 497 O  O     . HOH C 2 .  ? -3.957  -0.321  16.161  1.00 19.14 ? 108 HOH A O     1 
HETATM 498 O  O     . HOH C 2 .  ? -1.744  0.135   -13.292 1.00 16.07 ? 109 HOH A O     1 
HETATM 499 O  O     . HOH C 2 .  ? 3.688   -1.499  -7.551  1.00 21.95 ? 110 HOH A O     1 
HETATM 500 O  O     . HOH C 2 .  ? -4.460  4.629   16.860  1.00 22.56 ? 111 HOH A O     1 
HETATM 501 O  O     . HOH C 2 .  ? -0.770  -4.472  5.982   1.00 25.96 ? 112 HOH A O     1 
HETATM 502 O  O     . HOH C 2 .  ? -0.565  7.657   5.313   1.00 24.39 ? 113 HOH A O     1 
HETATM 503 O  O     . HOH C 2 .  ? -8.725  -4.679  -8.563  1.00 20.33 ? 114 HOH A O     1 
HETATM 504 O  O     . HOH C 2 .  ? -7.960  -3.448  -6.181  1.00 27.99 ? 115 HOH A O     1 
HETATM 505 O  O     . HOH C 2 .  ? 1.044   14.102  -4.246  1.00 23.84 ? 116 HOH A O     1 
HETATM 506 O  O     . HOH C 2 .  ? -6.615  7.961   4.935   1.00 26.82 ? 117 HOH A O     1 
HETATM 507 O  O     . HOH C 2 .  ? -5.185  6.244   20.055  1.00 27.35 ? 118 HOH A O     1 
HETATM 508 O  O     . HOH C 2 .  ? -4.372  4.356   -16.112 1.00 35.52 ? 119 HOH A O     1 
HETATM 509 O  O     . HOH C 2 .  ? -6.532  5.278   -1.312  1.00 31.44 ? 120 HOH A O     1 
HETATM 510 O  O     . HOH C 2 .  ? 2.074   5.753   11.236  1.00 24.66 ? 121 HOH A O     1 
HETATM 511 O  O     . HOH C 2 .  ? 0.769   -0.772  -13.581 1.00 25.72 ? 122 HOH A O     1 
HETATM 512 O  O     . HOH C 2 .  ? -8.912  -5.359  -11.980 1.00 25.30 ? 123 HOH A O     1 
HETATM 513 O  O     . HOH C 2 .  ? -3.842  -2.525  9.403   1.00 31.85 ? 124 HOH A O     1 
HETATM 514 O  O     . HOH C 2 .  ? -9.042  2.935   10.465  1.00 29.19 ? 125 HOH A O     1 
HETATM 515 O  O     . HOH C 2 .  ? -3.428  10.133  5.981   1.00 27.54 ? 126 HOH A O     1 
HETATM 516 O  O     . HOH C 2 .  ? -7.695  6.171   2.941   1.00 28.04 ? 127 HOH A O     1 
HETATM 517 O  O     . HOH C 2 .  ? -0.951  5.479   6.804   1.00 25.33 ? 128 HOH A O     1 
HETATM 518 O  O     . HOH C 2 .  ? 1.831   3.657   -12.619 1.00 33.62 ? 129 HOH A O     1 
HETATM 519 O  O     . HOH C 2 .  ? 5.032   10.799  -0.762  1.00 35.59 ? 130 HOH A O     1 
HETATM 520 O  O     . HOH C 2 .  ? -8.397  3.322   4.764   1.00 31.87 ? 131 HOH A O     1 
HETATM 521 O  O     . HOH C 2 .  ? 1.002   7.189   -8.394  1.00 31.56 ? 132 HOH A O     1 
HETATM 522 O  O     . HOH C 2 .  ? -8.532  -2.253  0.697   1.00 24.64 ? 133 HOH A O     1 
HETATM 523 O  O     . HOH C 2 .  ? -8.289  -2.152  11.329  1.00 35.46 ? 134 HOH A O     1 
HETATM 524 O  O     . HOH C 2 .  ? -1.511  6.568   -8.870  1.00 29.07 ? 135 HOH A O     1 
HETATM 525 O  O     . HOH C 2 .  ? -7.880  7.596   0.753   1.00 23.92 ? 136 HOH A O     1 
HETATM 526 O  O     . HOH C 2 .  ? -4.378  1.900   -6.870  1.00 26.38 ? 137 HOH A O     1 
HETATM 527 O  O     . HOH C 2 .  ? -1.940  12.778  5.811   1.00 30.38 ? 138 HOH A O     1 
HETATM 528 O  O     . HOH C 2 .  ? -4.648  4.572   -7.870  1.00 26.98 ? 139 HOH A O     1 
HETATM 529 O  O     . HOH C 2 .  ? 7.501   3.110   -5.518  1.00 29.46 ? 140 HOH A O     1 
HETATM 530 O  O     . HOH C 2 .  ? -3.837  7.416   7.433   1.00 28.67 ? 141 HOH A O     1 
HETATM 531 O  O     . HOH C 2 .  ? -3.301  11.669  13.089  1.00 32.14 ? 142 HOH A O     1 
HETATM 532 O  O     . HOH C 2 .  ? -11.306 -3.820  -12.057 1.00 32.98 ? 143 HOH A O     1 
HETATM 533 O  O     . HOH C 2 .  ? -8.393  9.453   13.164  1.00 26.53 ? 144 HOH A O     1 
HETATM 534 O  O     . HOH C 2 .  ? -5.495  1.767   -3.813  1.00 33.70 ? 145 HOH A O     1 
HETATM 535 O  O     . HOH C 2 .  ? -5.820  7.045   16.846  1.00 43.98 ? 146 HOH A O     1 
HETATM 536 O  O     . HOH C 2 .  ? -4.861  10.325  10.483  1.00 35.96 ? 147 HOH A O     1 
HETATM 537 O  O     . HOH C 2 .  ? 1.960   -3.931  -10.146 1.00 36.72 ? 148 HOH A O     1 
HETATM 538 O  O     . HOH C 2 .  ? -9.024  2.126   -12.895 1.00 36.79 ? 149 HOH A O     1 
HETATM 539 O  O     . HOH C 2 .  ? 0.019   11.029  3.290   1.00 26.25 ? 150 HOH A O     1 
HETATM 540 O  O     . HOH C 2 .  ? -10.134 8.131   15.071  1.00 42.42 ? 151 HOH A O     1 
HETATM 541 O  O     . HOH C 2 .  ? -8.136  -4.544  2.827   1.00 34.71 ? 152 HOH A O     1 
HETATM 542 O  O     . HOH C 2 .  ? -8.527  5.720   16.844  1.00 31.44 ? 153 HOH A O     1 
HETATM 543 O  O     . HOH C 2 .  ? -5.175  4.169   21.506  1.00 49.53 ? 154 HOH A O     1 
HETATM 544 O  O     . HOH C 2 .  ? -5.664  7.590   22.235  1.00 33.21 ? 155 HOH A O     1 
HETATM 545 O  O     . HOH C 2 .  ? 7.379   2.609   -8.286  1.00 32.21 ? 156 HOH A O     1 
HETATM 546 O  O     . HOH C 2 .  ? -2.061  12.502  16.265  1.00 44.24 ? 157 HOH A O     1 
HETATM 547 O  O     . HOH C 2 .  ? -10.054 1.363   8.358   1.00 39.94 ? 158 HOH A O     1 
HETATM 548 O  O     . HOH C 2 .  ? 6.625   0.202   -9.021  1.00 42.85 ? 159 HOH A O     1 
HETATM 549 O  O     . HOH C 2 .  ? 1.190   -5.838  4.844   1.00 31.81 ? 160 HOH A O     1 
HETATM 550 O  O     . HOH C 2 .  ? -10.084 -3.372  -1.119  1.00 46.76 ? 161 HOH A O     1 
HETATM 551 O  O     . HOH C 2 .  ? -1.691  15.025  7.565   1.00 51.51 ? 162 HOH A O     1 
HETATM 552 O  O     . HOH C 2 .  ? -11.228 0.051   6.336   1.00 40.19 ? 163 HOH A O     1 
HETATM 553 O  O     . HOH C 2 .  ? -9.171  4.828   13.990  1.00 33.03 ? 164 HOH A O     1 
HETATM 554 O  O     . HOH C 2 .  ? -9.416  0.143   10.909  1.00 41.07 ? 165 HOH A O     1 
HETATM 555 O  O     . HOH C 2 .  ? -4.723  6.480   -9.660  1.00 52.41 ? 166 HOH A O     1 
HETATM 556 O  O     . HOH C 2 .  ? -10.510 8.206   17.673  1.00 40.73 ? 167 HOH A O     1 
HETATM 557 O  O     . HOH C 2 .  ? -7.203  9.247   8.079   1.00 47.22 ? 168 HOH A O     1 
HETATM 558 O  O     . HOH D 2 .  ? 2.047   -3.578  1.705   1.00 13.91 ? 101 HOH B O     1 
HETATM 559 O  O     . HOH D 2 .  ? -6.253  -0.654  -0.320  1.00 16.80 ? 102 HOH B O     1 
HETATM 560 O  O     . HOH D 2 .  ? 5.931   -2.480  4.053   1.00 16.05 ? 103 HOH B O     1 
HETATM 561 O  O     . HOH D 2 .  ? -7.647  -7.544  -8.927  1.00 19.84 ? 104 HOH B O     1 
HETATM 562 O  O     . HOH D 2 .  ? 5.155   3.793   16.418  1.00 16.83 ? 105 HOH B O     1 
HETATM 563 O  O     . HOH D 2 .  ? 6.967   3.478   14.163  1.00 19.38 ? 106 HOH B O     1 
HETATM 564 O  O     . HOH D 2 .  ? 2.175   -7.152  -9.929  1.00 19.06 ? 107 HOH B O     1 
HETATM 565 O  O     . HOH D 2 .  ? 1.846   -10.176 -2.237  1.00 24.15 ? 108 HOH B O     1 
HETATM 566 O  O     . HOH D 2 .  ? -5.755  -11.921 -5.013  1.00 25.23 ? 109 HOH B O     1 
HETATM 567 O  O     . HOH D 2 .  ? 6.820   -6.997  -7.542  1.00 23.42 ? 110 HOH B O     1 
HETATM 568 O  O     . HOH D 2 .  ? -6.714  -9.922  -6.659  1.00 18.77 ? 111 HOH B O     1 
HETATM 569 O  O     . HOH D 2 .  ? 4.702   8.128   0.367   1.00 18.77 ? 112 HOH B O     1 
HETATM 570 O  O     . HOH D 2 .  ? 5.035   5.740   11.032  1.00 25.00 ? 113 HOH B O     1 
HETATM 571 O  O     . HOH D 2 .  ? -6.508  -2.976  -3.298  1.00 23.72 ? 114 HOH B O     1 
HETATM 572 O  O     . HOH D 2 .  ? 9.750   1.123   5.197   1.00 20.07 ? 115 HOH B O     1 
HETATM 573 O  O     . HOH D 2 .  ? -6.121  -7.122  -5.605  1.00 20.26 ? 116 HOH B O     1 
HETATM 574 O  O     . HOH D 2 .  ? 0.748   -3.164  -12.672 1.00 22.40 ? 117 HOH B O     1 
HETATM 575 O  O     . HOH D 2 .  ? 5.704   -9.270  -4.741  1.00 23.01 ? 118 HOH B O     1 
HETATM 576 O  O     . HOH D 2 .  ? 1.794   6.520   4.924   1.00 20.37 ? 119 HOH B O     1 
HETATM 577 O  O     . HOH D 2 .  ? 5.599   -6.086  1.540   1.00 24.52 ? 120 HOH B O     1 
HETATM 578 O  O     . HOH D 2 .  ? -0.786  -12.847 -6.266  1.00 24.06 ? 121 HOH B O     1 
HETATM 579 O  O     . HOH D 2 .  ? -1.701  -3.118  12.395  1.00 26.41 ? 122 HOH B O     1 
HETATM 580 O  O     . HOH D 2 .  ? 10.107  -1.676  7.951   1.00 38.33 ? 123 HOH B O     1 
HETATM 581 O  O     . HOH D 2 .  ? 0.736   -3.109  15.326  1.00 22.43 ? 124 HOH B O     1 
HETATM 582 O  O     . HOH D 2 .  ? 6.279   -8.901  -14.701 1.00 27.81 ? 125 HOH B O     1 
HETATM 583 O  O     . HOH D 2 .  ? 3.911   -7.087  -7.644  1.00 20.89 ? 126 HOH B O     1 
HETATM 584 O  O     . HOH D 2 .  ? 4.491   -13.495 -11.627 1.00 46.51 ? 127 HOH B O     1 
HETATM 585 O  O     . HOH D 2 .  ? -7.051  -8.739  -2.670  1.00 23.17 ? 128 HOH B O     1 
HETATM 586 O  O     . HOH D 2 .  ? 4.618   -8.066  0.009   1.00 24.36 ? 129 HOH B O     1 
HETATM 587 O  O     . HOH D 2 .  ? 4.732   -3.491  -6.956  1.00 34.20 ? 130 HOH B O     1 
HETATM 588 O  O     . HOH D 2 .  ? -1.655  -12.682 -3.773  1.00 31.83 ? 131 HOH B O     1 
HETATM 589 O  O     . HOH D 2 .  ? 2.296   -4.172  -7.492  1.00 25.89 ? 132 HOH B O     1 
HETATM 590 O  O     . HOH D 2 .  ? 5.797   3.221   11.553  1.00 17.40 ? 133 HOH B O     1 
HETATM 591 O  O     . HOH D 2 .  ? 8.068   9.705   -1.073  1.00 39.23 ? 134 HOH B O     1 
HETATM 592 O  O     . HOH D 2 .  ? -2.341  -11.377 -14.299 1.00 25.99 ? 135 HOH B O     1 
HETATM 593 O  O     . HOH D 2 .  ? -0.327  -4.512  9.365   1.00 21.22 ? 136 HOH B O     1 
HETATM 594 O  O     . HOH D 2 .  ? -1.792  -7.948  3.452   1.00 26.28 ? 137 HOH B O     1 
HETATM 595 O  O     . HOH D 2 .  ? -7.318  -0.410  -2.939  1.00 27.32 ? 138 HOH B O     1 
HETATM 596 O  O     . HOH D 2 .  ? 7.018   -8.676  -0.809  1.00 23.63 ? 139 HOH B O     1 
HETATM 597 O  O     . HOH D 2 .  ? 9.902   3.295   3.743   1.00 27.33 ? 140 HOH B O     1 
HETATM 598 O  O     . HOH D 2 .  ? 5.100   -8.938  -2.163  1.00 34.48 ? 141 HOH B O     1 
HETATM 599 O  O     . HOH D 2 .  ? 5.343   -10.234 -8.581  1.00 30.08 ? 142 HOH B O     1 
HETATM 600 O  O     . HOH D 2 .  ? 4.283   -12.837 -4.188  1.00 32.80 ? 143 HOH B O     1 
HETATM 601 O  O     . HOH D 2 .  ? 3.199   -3.542  4.347   1.00 31.13 ? 144 HOH B O     1 
HETATM 602 O  O     . HOH D 2 .  ? 4.926   9.273   2.832   1.00 33.22 ? 145 HOH B O     1 
HETATM 603 O  O     . HOH D 2 .  ? 8.310   11.103  1.124   1.00 34.49 ? 146 HOH B O     1 
HETATM 604 O  O     . HOH D 2 .  ? 2.270   -2.741  -15.190 1.00 35.02 ? 147 HOH B O     1 
HETATM 605 O  O     . HOH D 2 .  ? -3.303  -13.875 -6.552  1.00 27.25 ? 148 HOH B O     1 
HETATM 606 O  O     . HOH D 2 .  ? 11.534  2.486   8.154   1.00 39.29 ? 149 HOH B O     1 
HETATM 607 O  O     . HOH D 2 .  ? 6.959   6.765   12.421  1.00 37.05 ? 150 HOH B O     1 
HETATM 608 O  O     . HOH D 2 .  ? 4.632   -1.509  6.248   1.00 28.38 ? 151 HOH B O     1 
HETATM 609 O  O     . HOH D 2 .  ? -7.014  -5.060  -1.762  1.00 45.70 ? 152 HOH B O     1 
HETATM 610 O  O     . HOH D 2 .  ? 5.671   -6.513  -11.661 1.00 28.92 ? 153 HOH B O     1 
HETATM 611 O  O     . HOH D 2 .  ? 8.799   5.220   13.697  1.00 35.36 ? 154 HOH B O     1 
HETATM 612 O  O     . HOH D 2 .  ? 0.355   -5.138  12.925  1.00 38.54 ? 155 HOH B O     1 
HETATM 613 O  O     . HOH D 2 .  ? 7.409   -4.176  13.292  1.00 30.53 ? 156 HOH B O     1 
HETATM 614 O  O     . HOH D 2 .  ? 12.419  3.279   2.052   1.00 33.42 ? 157 HOH B O     1 
HETATM 615 O  O     . HOH D 2 .  ? 4.911   -8.633  -10.599 1.00 37.30 ? 158 HOH B O     1 
HETATM 616 O  O     . HOH D 2 .  ? 4.508   -11.124 -17.189 1.00 32.71 ? 159 HOH B O     1 
HETATM 617 O  O     . HOH D 2 .  ? 8.189   -3.725  15.835  1.00 41.39 ? 160 HOH B O     1 
HETATM 618 O  O     . HOH D 2 .  ? -2.837  -0.874  18.542  1.00 29.24 ? 161 HOH B O     1 
HETATM 619 O  O     . HOH D 2 .  ? 8.279   8.634   -4.229  1.00 47.51 ? 162 HOH B O     1 
HETATM 620 O  O     . HOH D 2 .  ? 5.394   -2.653  -13.334 1.00 38.15 ? 163 HOH B O     1 
HETATM 621 O  O     . HOH D 2 .  ? -3.765  -12.612 -1.367  1.00 37.82 ? 164 HOH B O     1 
HETATM 622 O  O     . HOH D 2 .  ? 6.650   -4.540  -10.023 1.00 34.34 ? 165 HOH B O     1 
HETATM 623 O  O     . HOH D 2 .  ? 7.859   -1.774  6.262   1.00 40.61 ? 166 HOH B O     1 
HETATM 624 O  O     . HOH D 2 .  ? -5.043  -8.341  2.144   1.00 29.64 ? 167 HOH B O     1 
# 
